data_7TE1
#
_entry.id   7TE1
#
_cell.length_a   207.931
_cell.length_b   207.931
_cell.length_c   86.662
_cell.angle_alpha   90.000
_cell.angle_beta   90.000
_cell.angle_gamma   90.000
#
_symmetry.space_group_name_H-M   'P 41 21 2'
#
loop_
_entity.id
_entity.type
_entity.pdbx_description
1 polymer 'Ab17 heavy chain'
2 polymer 'Ab17 light chain'
3 polymer 'Spike protein S1'
#
loop_
_entity_poly.entity_id
_entity_poly.type
_entity_poly.pdbx_seq_one_letter_code
_entity_poly.pdbx_strand_id
1 'polypeptide(L)'
;EVQLQQSGPELVKPGASVKISCKASGYSFTDYYMNWVKQSPEKSLEWIGEINPNTGGTTYNQKFKAKATLTVDKSSSTAY
MQLKSLTSEDSAVYYCARYYGNLYAMDYWGQGTSVTVSSGAAKTTPPSVYPLAPGSAAQTNSMVTLGCLVKGYFPEPVTV
TWNSGSLSSGVHTFPAVLQSDLYTLSSSVTVPSSTWPSETVTCNVAHPASSTKVDKKIVPRDC
;
C,H
2 'polypeptide(L)'
;DILMTQSPSSMSVSLGDTVSITCHASQGISSNIGWLQQKPGKSFKGLIYHGTNLEDGVPSRFSGSGSGADYSLTISSLES
EDFADYYCVQYVQFPYTLGGGTKLEIKRADGAPTVSIFPPSSEQLTSGGASVVCFLNNFYPKDINVKWKIDGSERQNGVL
NSWTDQDSKDSTYSMSSTLTLTKDEYERHNSYTCEATHKTSTSPIVKSFNRNEC
;
F,L
3 'polypeptide(L)'
;RVQPTESIVRFPNITNLCPFGEVFNATRFASVYAWNRKRISNCVADYSVLYNSASFSTFKCYGVSPTKLNDLCFTNVYAD
SFVIRGDEVRQIAPGQTGKIADYNYKLPDDFTGCVIAWNSNNLDSKVGGNYNYLYRLFRKSNLKPFERDISTEIYQAGST
PCNGVEGFNCYFPLQSYGFQPTNGVGYQPYRVVVLSFELLHAPATVCGPKK
;
D,E
#
# COMPACT_ATOMS: atom_id res chain seq x y z
N LEU A 4 15.27 -21.60 -8.03
CA LEU A 4 14.83 -21.72 -6.64
C LEU A 4 13.39 -22.21 -6.58
N GLN A 5 12.97 -22.91 -7.63
CA GLN A 5 11.62 -23.44 -7.68
C GLN A 5 11.47 -24.62 -6.72
N GLN A 6 10.23 -24.87 -6.31
CA GLN A 6 9.92 -25.94 -5.38
C GLN A 6 8.57 -26.55 -5.77
N SER A 7 8.35 -27.77 -5.27
CA SER A 7 7.07 -28.44 -5.51
C SER A 7 5.92 -27.58 -4.99
N GLY A 8 4.75 -27.75 -5.60
CA GLY A 8 3.58 -27.02 -5.19
C GLY A 8 3.05 -27.56 -3.88
N PRO A 9 2.25 -26.75 -3.18
CA PRO A 9 1.68 -27.21 -1.91
C PRO A 9 0.75 -28.39 -2.12
N GLU A 10 0.84 -29.36 -1.21
CA GLU A 10 -0.03 -30.52 -1.24
C GLU A 10 -0.78 -30.64 0.08
N LEU A 11 -1.99 -31.17 0.00
CA LEU A 11 -2.84 -31.41 1.16
C LEU A 11 -3.02 -32.92 1.30
N VAL A 12 -2.35 -33.51 2.28
CA VAL A 12 -2.33 -34.95 2.42
C VAL A 12 -2.93 -35.32 3.78
N LYS A 13 -3.41 -36.54 3.87
CA LYS A 13 -4.06 -37.06 5.06
C LYS A 13 -3.10 -37.90 5.89
N PRO A 14 -3.37 -38.06 7.19
CA PRO A 14 -2.40 -38.73 8.06
C PRO A 14 -2.10 -40.15 7.63
N GLY A 15 -0.90 -40.60 7.96
CA GLY A 15 -0.38 -41.88 7.54
C GLY A 15 0.35 -41.86 6.22
N ALA A 16 0.64 -40.68 5.69
CA ALA A 16 1.12 -40.52 4.32
C ALA A 16 2.53 -39.95 4.27
N SER A 17 3.32 -40.45 3.33
CA SER A 17 4.65 -39.93 3.05
C SER A 17 4.58 -38.95 1.89
N VAL A 18 5.25 -37.83 2.03
CA VAL A 18 5.30 -36.79 1.00
C VAL A 18 6.76 -36.41 0.77
N LYS A 19 7.10 -36.14 -0.49
CA LYS A 19 8.45 -35.77 -0.88
C LYS A 19 8.42 -34.39 -1.54
N ILE A 20 9.44 -33.59 -1.24
CA ILE A 20 9.50 -32.19 -1.67
C ILE A 20 10.77 -32.00 -2.49
N SER A 21 10.63 -31.27 -3.59
CA SER A 21 11.73 -31.05 -4.52
C SER A 21 12.12 -29.58 -4.51
N CYS A 22 13.36 -29.32 -4.85
CA CYS A 22 13.86 -27.95 -4.88
C CYS A 22 14.96 -27.89 -5.93
N LYS A 23 14.68 -27.19 -7.04
CA LYS A 23 15.61 -27.08 -8.16
C LYS A 23 16.31 -25.73 -8.10
N ALA A 24 17.59 -25.76 -7.79
CA ALA A 24 18.40 -24.54 -7.70
C ALA A 24 18.87 -24.14 -9.10
N SER A 25 18.62 -22.89 -9.47
CA SER A 25 18.99 -22.39 -10.79
C SER A 25 19.64 -21.01 -10.66
N GLY A 26 20.55 -20.73 -11.59
CA GLY A 26 21.30 -19.49 -11.62
C GLY A 26 22.73 -19.63 -11.20
N TYR A 27 23.15 -20.80 -10.71
CA TYR A 27 24.51 -21.01 -10.26
C TYR A 27 24.84 -22.49 -10.41
N SER A 28 26.02 -22.87 -9.93
CA SER A 28 26.47 -24.26 -9.96
C SER A 28 25.96 -24.97 -8.72
N PHE A 29 24.87 -25.72 -8.88
CA PHE A 29 24.26 -26.46 -7.78
C PHE A 29 25.19 -27.50 -7.17
N THR A 30 26.23 -27.92 -7.90
CA THR A 30 27.06 -29.04 -7.48
C THR A 30 27.87 -28.78 -6.22
N ASP A 31 28.33 -27.55 -5.99
CA ASP A 31 29.28 -27.27 -4.90
C ASP A 31 28.71 -26.29 -3.87
N TYR A 32 27.44 -26.48 -3.49
CA TYR A 32 26.80 -25.68 -2.46
C TYR A 32 25.97 -26.58 -1.55
N TYR A 33 26.19 -26.47 -0.24
CA TYR A 33 25.35 -27.19 0.71
C TYR A 33 23.90 -26.75 0.55
N MET A 34 22.99 -27.69 0.75
CA MET A 34 21.56 -27.42 0.68
C MET A 34 20.96 -27.69 2.06
N ASN A 35 20.46 -26.64 2.69
CA ASN A 35 19.78 -26.76 3.96
C ASN A 35 18.27 -26.82 3.76
N TRP A 36 17.60 -27.42 4.73
CA TRP A 36 16.14 -27.43 4.77
C TRP A 36 15.71 -26.94 6.14
N VAL A 37 14.64 -26.14 6.15
CA VAL A 37 14.17 -25.40 7.31
C VAL A 37 12.65 -25.49 7.39
N LYS A 38 12.12 -25.63 8.60
CA LYS A 38 10.68 -25.66 8.82
C LYS A 38 10.26 -24.39 9.54
N GLN A 39 9.17 -23.79 9.06
CA GLN A 39 8.56 -22.63 9.71
C GLN A 39 7.19 -23.06 10.23
N SER A 40 7.07 -23.12 11.55
CA SER A 40 5.90 -23.38 12.37
C SER A 40 5.17 -22.07 12.65
N PRO A 41 3.88 -22.13 13.01
CA PRO A 41 3.12 -20.90 13.28
C PRO A 41 3.26 -20.34 14.69
N GLU A 42 4.26 -20.79 15.46
CA GLU A 42 4.55 -20.18 16.75
C GLU A 42 5.66 -19.15 16.66
N LYS A 43 5.80 -18.49 15.50
CA LYS A 43 6.89 -17.57 15.21
C LYS A 43 8.24 -18.23 15.48
N SER A 44 8.37 -19.47 15.04
CA SER A 44 9.59 -20.24 15.22
C SER A 44 10.02 -20.88 13.90
N LEU A 45 11.33 -20.86 13.66
CA LEU A 45 11.95 -21.44 12.47
C LEU A 45 12.95 -22.50 12.92
N GLU A 46 12.56 -23.75 12.83
CA GLU A 46 13.43 -24.87 13.18
C GLU A 46 14.23 -25.33 11.97
N TRP A 47 15.37 -25.97 12.25
CA TRP A 47 16.31 -26.43 11.24
C TRP A 47 16.04 -27.90 10.94
N ILE A 48 15.61 -28.19 9.71
CA ILE A 48 15.44 -29.59 9.31
C ILE A 48 16.80 -30.27 9.17
N GLY A 49 17.71 -29.65 8.43
CA GLY A 49 19.03 -30.25 8.30
C GLY A 49 19.77 -29.74 7.09
N GLU A 50 20.82 -30.47 6.72
CA GLU A 50 21.77 -30.05 5.70
C GLU A 50 22.25 -31.27 4.92
N ILE A 51 22.42 -31.10 3.61
CA ILE A 51 22.97 -32.14 2.75
C ILE A 51 23.99 -31.50 1.81
N ASN A 52 25.05 -32.26 1.50
CA ASN A 52 26.05 -31.82 0.54
C ASN A 52 25.91 -32.59 -0.76
N PRO A 53 25.73 -31.94 -1.90
CA PRO A 53 25.76 -32.66 -3.18
C PRO A 53 27.20 -32.99 -3.54
N ASN A 54 27.36 -33.83 -4.58
CA ASN A 54 28.67 -34.23 -5.06
C ASN A 54 29.49 -34.90 -3.95
N THR A 55 29.06 -36.13 -3.63
CA THR A 55 29.70 -36.95 -2.60
C THR A 55 29.52 -36.29 -1.23
N GLY A 56 28.27 -36.22 -0.77
CA GLY A 56 28.01 -35.53 0.48
C GLY A 56 27.22 -36.24 1.55
N GLY A 57 27.82 -36.34 2.72
CA GLY A 57 27.10 -36.80 3.90
C GLY A 57 26.08 -35.79 4.38
N THR A 58 25.04 -36.29 5.05
CA THR A 58 23.96 -35.46 5.56
C THR A 58 24.02 -35.43 7.08
N THR A 59 23.74 -34.26 7.65
CA THR A 59 23.73 -34.06 9.10
C THR A 59 22.40 -33.42 9.48
N TYR A 60 21.66 -34.09 10.36
CA TYR A 60 20.31 -33.68 10.72
C TYR A 60 20.30 -33.03 12.10
N ASN A 61 19.22 -32.31 12.39
CA ASN A 61 18.91 -31.94 13.76
C ASN A 61 18.29 -33.15 14.44
N GLN A 62 18.62 -33.36 15.71
CA GLN A 62 18.19 -34.59 16.38
C GLN A 62 16.68 -34.68 16.48
N LYS A 63 15.98 -33.54 16.49
CA LYS A 63 14.52 -33.54 16.47
C LYS A 63 13.99 -34.17 15.19
N PHE A 64 14.80 -34.22 14.13
CA PHE A 64 14.35 -34.62 12.81
C PHE A 64 15.13 -35.79 12.23
N LYS A 65 16.24 -36.19 12.85
CA LYS A 65 17.02 -37.33 12.38
C LYS A 65 16.18 -38.58 12.14
N ALA A 66 15.02 -38.70 12.78
CA ALA A 66 14.11 -39.81 12.56
C ALA A 66 12.93 -39.46 11.64
N LYS A 67 12.73 -38.18 11.34
CA LYS A 67 11.55 -37.74 10.61
C LYS A 67 11.82 -37.27 9.18
N ALA A 68 13.08 -37.02 8.82
CA ALA A 68 13.41 -36.43 7.52
C ALA A 68 14.46 -37.27 6.81
N THR A 69 14.36 -37.31 5.48
CA THR A 69 15.39 -37.94 4.67
C THR A 69 15.78 -37.03 3.50
N LEU A 70 17.08 -36.82 3.31
CA LEU A 70 17.61 -35.83 2.39
C LEU A 70 18.34 -36.53 1.25
N THR A 71 18.08 -36.08 0.02
CA THR A 71 18.74 -36.63 -1.16
C THR A 71 19.01 -35.52 -2.15
N VAL A 72 19.96 -35.75 -3.05
CA VAL A 72 20.26 -34.79 -4.12
C VAL A 72 20.46 -35.54 -5.43
N ASP A 73 20.36 -34.80 -6.53
CA ASP A 73 20.64 -35.31 -7.87
C ASP A 73 21.37 -34.21 -8.63
N LYS A 74 22.67 -34.41 -8.86
CA LYS A 74 23.45 -33.43 -9.60
C LYS A 74 22.98 -33.32 -11.04
N SER A 75 22.57 -34.44 -11.64
CA SER A 75 22.20 -34.44 -13.06
C SER A 75 20.97 -33.57 -13.30
N SER A 76 19.89 -33.83 -12.56
CA SER A 76 18.73 -32.95 -12.62
C SER A 76 18.96 -31.65 -11.87
N SER A 77 20.07 -31.53 -11.13
CA SER A 77 20.42 -30.34 -10.37
C SER A 77 19.31 -29.97 -9.38
N THR A 78 18.87 -30.96 -8.62
CA THR A 78 17.77 -30.77 -7.67
C THR A 78 18.12 -31.42 -6.34
N ALA A 79 17.41 -31.00 -5.30
CA ALA A 79 17.51 -31.64 -3.99
C ALA A 79 16.12 -31.98 -3.48
N TYR A 80 15.98 -33.16 -2.89
CA TYR A 80 14.73 -33.65 -2.34
C TYR A 80 14.84 -33.79 -0.84
N MET A 81 13.71 -33.58 -0.18
CA MET A 81 13.53 -33.90 1.24
C MET A 81 12.20 -34.60 1.41
N GLN A 82 12.24 -35.79 2.02
CA GLN A 82 11.05 -36.59 2.25
C GLN A 82 10.71 -36.59 3.72
N LEU A 83 9.44 -36.36 4.03
CA LEU A 83 8.91 -36.40 5.38
C LEU A 83 8.25 -37.76 5.59
N LYS A 84 8.69 -38.48 6.62
CA LYS A 84 8.23 -39.83 6.87
C LYS A 84 7.04 -39.78 7.83
N SER A 85 5.98 -40.50 7.48
CA SER A 85 4.72 -40.51 8.20
C SER A 85 4.03 -39.16 8.12
N LEU A 86 3.21 -38.83 9.13
CA LEU A 86 2.14 -37.86 9.00
C LEU A 86 2.36 -36.54 9.73
N THR A 87 3.43 -36.43 10.53
CA THR A 87 3.80 -35.18 11.20
C THR A 87 2.63 -34.62 12.03
N SER A 88 1.93 -35.52 12.70
CA SER A 88 0.79 -35.21 13.59
C SER A 88 -0.15 -34.24 12.89
N GLU A 89 -0.83 -33.40 13.67
CA GLU A 89 -1.55 -32.24 13.13
C GLU A 89 -0.59 -31.10 12.80
N ASP A 90 0.72 -31.36 12.94
CA ASP A 90 1.77 -30.36 12.80
C ASP A 90 2.10 -30.16 11.32
N SER A 91 1.28 -29.34 10.67
CA SER A 91 1.52 -28.90 9.30
C SER A 91 2.18 -27.53 9.34
N ALA A 92 3.17 -27.32 8.47
CA ALA A 92 4.01 -26.13 8.51
C ALA A 92 4.54 -25.88 7.10
N VAL A 93 5.34 -24.81 6.95
CA VAL A 93 5.95 -24.49 5.66
C VAL A 93 7.40 -24.93 5.66
N TYR A 94 7.89 -25.41 4.52
CA TYR A 94 9.24 -25.95 4.41
C TYR A 94 10.01 -25.23 3.33
N TYR A 95 11.29 -24.96 3.59
CA TYR A 95 12.16 -24.21 2.69
C TYR A 95 13.46 -24.97 2.45
N CYS A 96 14.02 -24.76 1.27
CA CYS A 96 15.36 -25.23 0.92
C CYS A 96 16.29 -24.03 0.84
N ALA A 97 17.39 -24.08 1.58
CA ALA A 97 18.34 -22.98 1.66
C ALA A 97 19.59 -23.32 0.86
N ARG A 98 20.56 -22.39 0.89
CA ARG A 98 21.78 -22.50 0.09
C ARG A 98 22.96 -22.06 0.95
N TYR A 99 23.70 -23.04 1.48
CA TYR A 99 24.87 -22.77 2.29
C TYR A 99 26.14 -22.97 1.47
N TYR A 100 27.12 -22.09 1.68
CA TYR A 100 28.40 -22.17 1.00
C TYR A 100 29.47 -22.86 1.82
N GLY A 101 29.42 -22.73 3.14
CA GLY A 101 30.39 -23.35 4.01
C GLY A 101 30.58 -22.50 5.24
N ASN A 102 31.55 -22.88 6.05
CA ASN A 102 31.78 -22.17 7.30
C ASN A 102 32.19 -20.73 7.03
N LEU A 103 31.85 -19.85 7.98
CA LEU A 103 32.05 -18.41 7.86
C LEU A 103 31.25 -17.85 6.68
N TYR A 104 30.05 -18.41 6.47
CA TYR A 104 29.14 -17.95 5.44
C TYR A 104 27.72 -18.14 5.96
N ALA A 105 26.73 -17.77 5.16
CA ALA A 105 25.33 -17.88 5.55
C ALA A 105 24.51 -18.43 4.39
N MET A 106 23.22 -18.61 4.65
CA MET A 106 22.25 -19.05 3.64
C MET A 106 21.84 -17.85 2.80
N ASP A 107 22.15 -17.89 1.51
CA ASP A 107 22.00 -16.71 0.66
C ASP A 107 20.64 -16.63 -0.03
N TYR A 108 20.33 -17.61 -0.88
CA TYR A 108 19.11 -17.61 -1.68
C TYR A 108 18.14 -18.66 -1.14
N TRP A 109 16.85 -18.32 -1.15
CA TRP A 109 15.83 -19.14 -0.51
C TRP A 109 14.66 -19.36 -1.45
N GLY A 110 14.04 -20.52 -1.33
CA GLY A 110 12.81 -20.83 -2.06
C GLY A 110 11.62 -20.96 -1.13
N GLN A 111 10.57 -20.16 -1.33
CA GLN A 111 9.34 -20.34 -0.55
C GLN A 111 8.37 -21.32 -1.21
N GLY A 112 8.72 -21.84 -2.39
CA GLY A 112 7.81 -22.59 -3.24
C GLY A 112 6.86 -23.60 -2.64
N THR A 113 7.25 -24.32 -1.58
CA THR A 113 6.46 -25.43 -1.08
C THR A 113 5.89 -25.17 0.30
N SER A 114 4.57 -25.35 0.42
CA SER A 114 3.82 -25.33 1.66
C SER A 114 3.25 -26.71 1.93
N VAL A 115 3.37 -27.20 3.17
CA VAL A 115 2.86 -28.53 3.50
C VAL A 115 1.73 -28.37 4.50
N THR A 116 0.56 -28.89 4.14
CA THR A 116 -0.61 -28.89 5.00
C THR A 116 -1.14 -30.31 5.07
N VAL A 117 -1.27 -30.85 6.27
CA VAL A 117 -1.71 -32.22 6.46
C VAL A 117 -3.16 -32.19 6.90
N SER A 118 -4.03 -32.85 6.14
CA SER A 118 -5.45 -32.84 6.43
C SER A 118 -5.74 -33.61 7.71
N SER A 119 -6.97 -33.50 8.17
CA SER A 119 -7.41 -34.23 9.35
C SER A 119 -7.64 -35.70 9.02
N GLY A 120 -7.65 -36.53 10.06
CA GLY A 120 -7.77 -37.97 9.85
C GLY A 120 -9.10 -38.36 9.22
N ALA A 121 -10.20 -37.81 9.72
CA ALA A 121 -11.53 -38.03 9.17
C ALA A 121 -11.86 -36.84 8.27
N ALA A 122 -11.77 -37.03 6.95
CA ALA A 122 -11.92 -35.94 6.00
C ALA A 122 -12.99 -36.27 4.98
N LYS A 123 -13.75 -35.25 4.59
CA LYS A 123 -14.69 -35.33 3.49
C LYS A 123 -14.74 -33.96 2.83
N THR A 124 -14.58 -33.93 1.51
CA THR A 124 -14.68 -32.68 0.78
C THR A 124 -16.12 -32.18 0.83
N THR A 125 -16.30 -30.96 1.33
CA THR A 125 -17.61 -30.41 1.60
C THR A 125 -17.70 -29.00 1.02
N PRO A 126 -18.76 -28.68 0.28
CA PRO A 126 -18.91 -27.32 -0.21
C PRO A 126 -19.35 -26.39 0.90
N PRO A 127 -19.03 -25.10 0.79
CA PRO A 127 -19.32 -24.16 1.88
C PRO A 127 -20.82 -23.98 2.10
N SER A 128 -21.18 -23.69 3.34
CA SER A 128 -22.53 -23.26 3.69
C SER A 128 -22.46 -21.76 3.98
N VAL A 129 -23.02 -20.96 3.08
CA VAL A 129 -22.86 -19.51 3.11
C VAL A 129 -24.16 -18.86 3.58
N TYR A 130 -24.04 -17.93 4.53
CA TYR A 130 -25.19 -17.21 5.08
C TYR A 130 -24.91 -15.71 5.08
N PRO A 131 -25.85 -14.89 4.64
CA PRO A 131 -25.67 -13.44 4.73
C PRO A 131 -25.77 -12.94 6.16
N LEU A 132 -25.16 -11.78 6.41
CA LEU A 132 -25.10 -11.17 7.73
C LEU A 132 -25.56 -9.71 7.61
N ALA A 133 -26.82 -9.46 7.96
CA ALA A 133 -27.51 -8.18 8.03
C ALA A 133 -27.62 -7.71 9.47
N PRO A 134 -27.73 -6.40 9.73
CA PRO A 134 -27.83 -5.91 11.10
C PRO A 134 -29.17 -6.25 11.75
N MET A 143 -22.23 4.71 7.08
CA MET A 143 -21.40 3.58 6.67
C MET A 143 -21.70 2.34 7.50
N VAL A 144 -22.68 1.57 7.04
CA VAL A 144 -23.06 0.32 7.70
C VAL A 144 -22.13 -0.80 7.27
N THR A 145 -21.83 -1.71 8.18
CA THR A 145 -21.03 -2.89 7.89
C THR A 145 -21.96 -4.08 7.67
N LEU A 146 -21.75 -4.79 6.56
CA LEU A 146 -22.45 -6.02 6.22
C LEU A 146 -21.47 -7.18 6.28
N GLY A 147 -22.01 -8.40 6.31
CA GLY A 147 -21.16 -9.57 6.43
C GLY A 147 -21.63 -10.74 5.59
N CYS A 148 -20.72 -11.67 5.39
CA CYS A 148 -20.99 -12.93 4.70
C CYS A 148 -20.23 -14.02 5.43
N LEU A 149 -20.94 -15.00 5.99
CA LEU A 149 -20.35 -16.04 6.82
C LEU A 149 -20.31 -17.33 6.01
N VAL A 150 -19.11 -17.88 5.84
CA VAL A 150 -18.89 -19.10 5.08
C VAL A 150 -18.48 -20.17 6.08
N LYS A 151 -19.41 -21.05 6.42
CA LYS A 151 -19.24 -22.01 7.50
C LYS A 151 -19.13 -23.42 6.93
N GLY A 152 -18.27 -24.22 7.55
CA GLY A 152 -18.27 -25.65 7.31
C GLY A 152 -17.90 -26.06 5.90
N TYR A 153 -16.67 -25.77 5.49
CA TYR A 153 -16.17 -26.21 4.20
C TYR A 153 -14.82 -26.89 4.35
N PHE A 154 -14.48 -27.69 3.36
CA PHE A 154 -13.23 -28.45 3.33
C PHE A 154 -12.99 -28.90 1.90
N PRO A 155 -11.76 -28.79 1.40
CA PRO A 155 -10.68 -28.13 2.14
C PRO A 155 -10.46 -26.66 1.78
N GLU A 156 -9.42 -26.08 2.36
CA GLU A 156 -9.02 -24.74 2.01
C GLU A 156 -8.53 -24.74 0.56
N PRO A 157 -8.71 -23.62 -0.18
CA PRO A 157 -9.32 -22.35 0.18
C PRO A 157 -10.68 -22.07 -0.47
N VAL A 158 -11.31 -20.98 -0.03
CA VAL A 158 -12.61 -20.57 -0.55
C VAL A 158 -12.63 -19.07 -0.83
N THR A 159 -12.59 -18.72 -2.10
CA THR A 159 -12.59 -17.31 -2.50
C THR A 159 -13.89 -16.62 -2.12
N VAL A 160 -13.77 -15.43 -1.54
CA VAL A 160 -14.92 -14.65 -1.13
C VAL A 160 -14.81 -13.22 -1.63
N THR A 161 -15.56 -12.90 -2.67
CA THR A 161 -15.54 -11.56 -3.25
C THR A 161 -16.90 -10.88 -3.16
N TRP A 162 -16.92 -9.57 -3.43
CA TRP A 162 -18.14 -8.79 -3.39
C TRP A 162 -18.47 -8.21 -4.76
N ASN A 163 -19.66 -8.51 -5.25
CA ASN A 163 -20.12 -8.02 -6.55
C ASN A 163 -19.09 -8.30 -7.66
N SER A 164 -18.56 -9.53 -7.66
CA SER A 164 -17.65 -10.02 -8.70
C SER A 164 -16.37 -9.19 -8.75
N GLY A 165 -15.85 -8.81 -7.59
CA GLY A 165 -14.68 -7.97 -7.50
C GLY A 165 -14.93 -6.48 -7.61
N SER A 166 -16.18 -6.04 -7.74
CA SER A 166 -16.47 -4.61 -7.80
C SER A 166 -16.07 -3.94 -6.49
N LEU A 167 -16.71 -4.34 -5.39
CA LEU A 167 -16.41 -3.79 -4.08
C LEU A 167 -15.08 -4.35 -3.58
N SER A 168 -14.06 -3.51 -3.53
CA SER A 168 -12.76 -3.91 -3.03
C SER A 168 -12.27 -3.08 -1.86
N SER A 169 -12.57 -1.78 -1.86
CA SER A 169 -12.24 -0.94 -0.71
C SER A 169 -13.15 -1.27 0.47
N GLY A 170 -12.59 -1.18 1.68
CA GLY A 170 -13.37 -1.44 2.86
C GLY A 170 -13.83 -2.87 3.02
N VAL A 171 -13.12 -3.82 2.39
CA VAL A 171 -13.48 -5.24 2.43
C VAL A 171 -12.48 -5.95 3.33
N HIS A 172 -12.99 -6.77 4.24
CA HIS A 172 -12.17 -7.54 5.18
C HIS A 172 -12.60 -9.00 5.08
N THR A 173 -11.85 -9.81 4.35
CA THR A 173 -12.11 -11.24 4.26
C THR A 173 -11.18 -11.90 5.26
N PHE A 174 -11.75 -12.49 6.31
CA PHE A 174 -10.91 -12.99 7.37
C PHE A 174 -10.42 -14.40 7.04
N PRO A 175 -9.26 -14.79 7.56
CA PRO A 175 -8.73 -16.12 7.25
C PRO A 175 -9.61 -17.21 7.85
N ALA A 176 -9.55 -18.38 7.22
CA ALA A 176 -10.30 -19.53 7.69
C ALA A 176 -9.75 -20.01 9.02
N VAL A 177 -10.53 -20.86 9.68
CA VAL A 177 -10.10 -21.49 10.93
C VAL A 177 -10.56 -22.94 10.91
N LEU A 178 -9.69 -23.83 11.38
CA LEU A 178 -9.95 -25.26 11.42
C LEU A 178 -10.64 -25.60 12.74
N GLN A 179 -11.91 -25.95 12.66
CA GLN A 179 -12.72 -26.37 13.81
C GLN A 179 -13.46 -27.64 13.43
N SER A 180 -13.34 -28.68 14.25
CA SER A 180 -14.01 -29.95 14.04
C SER A 180 -13.75 -30.47 12.62
N ASP A 181 -12.50 -30.29 12.16
CA ASP A 181 -12.01 -30.79 10.88
C ASP A 181 -12.64 -30.09 9.67
N LEU A 182 -13.28 -28.95 9.89
CA LEU A 182 -13.86 -28.14 8.82
C LEU A 182 -13.40 -26.70 8.98
N TYR A 183 -13.62 -25.87 7.95
CA TYR A 183 -13.13 -24.52 7.94
C TYR A 183 -14.26 -23.50 8.09
N THR A 184 -13.94 -22.39 8.76
CA THR A 184 -14.89 -21.30 8.94
C THR A 184 -14.23 -19.99 8.52
N LEU A 185 -14.95 -19.19 7.74
CA LEU A 185 -14.49 -17.91 7.23
C LEU A 185 -15.61 -16.89 7.38
N SER A 186 -15.23 -15.61 7.46
CA SER A 186 -16.22 -14.55 7.51
C SER A 186 -15.65 -13.33 6.79
N SER A 187 -16.55 -12.56 6.18
CA SER A 187 -16.15 -11.36 5.44
C SER A 187 -17.03 -10.18 5.81
N SER A 188 -16.40 -9.01 5.93
CA SER A 188 -17.08 -7.76 6.20
C SER A 188 -16.94 -6.84 4.98
N VAL A 189 -17.99 -6.10 4.68
CA VAL A 189 -17.96 -5.08 3.63
C VAL A 189 -18.62 -3.82 4.18
N THR A 190 -17.91 -2.71 4.08
CA THR A 190 -18.41 -1.43 4.59
C THR A 190 -18.87 -0.60 3.39
N VAL A 191 -20.19 -0.44 3.27
CA VAL A 191 -20.81 0.21 2.14
C VAL A 191 -21.67 1.32 2.73
N PRO A 192 -21.84 2.46 2.05
CA PRO A 192 -22.55 3.58 2.69
C PRO A 192 -24.01 3.27 2.99
N SER A 193 -24.51 3.92 4.04
CA SER A 193 -25.92 3.75 4.43
C SER A 193 -26.88 4.20 3.35
N SER A 194 -26.40 4.96 2.37
CA SER A 194 -27.22 5.36 1.23
C SER A 194 -27.12 4.38 0.07
N THR A 195 -25.97 3.71 -0.07
CA THR A 195 -25.82 2.72 -1.14
C THR A 195 -26.65 1.47 -0.85
N TRP A 196 -26.73 1.07 0.43
CA TRP A 196 -27.50 -0.09 0.83
C TRP A 196 -28.62 0.34 1.77
N PRO A 197 -29.84 -0.23 1.62
CA PRO A 197 -30.19 -1.27 0.66
C PRO A 197 -30.53 -0.78 -0.75
N SER A 198 -30.13 0.45 -1.09
CA SER A 198 -30.42 0.98 -2.40
C SER A 198 -29.80 0.13 -3.50
N GLU A 199 -28.50 -0.15 -3.39
CA GLU A 199 -27.81 -0.93 -4.41
C GLU A 199 -27.50 -2.31 -3.86
N THR A 200 -27.63 -3.32 -4.73
CA THR A 200 -27.49 -4.70 -4.28
C THR A 200 -26.08 -4.99 -3.80
N VAL A 201 -26.00 -5.77 -2.72
CA VAL A 201 -24.74 -6.33 -2.24
C VAL A 201 -24.85 -7.85 -2.31
N THR A 202 -23.93 -8.48 -3.03
CA THR A 202 -23.96 -9.93 -3.22
C THR A 202 -22.57 -10.48 -2.89
N CYS A 203 -22.47 -11.21 -1.78
CA CYS A 203 -21.20 -11.86 -1.47
C CYS A 203 -21.09 -13.14 -2.30
N ASN A 204 -19.98 -13.25 -3.03
CA ASN A 204 -19.75 -14.34 -3.97
C ASN A 204 -18.65 -15.22 -3.42
N VAL A 205 -18.93 -16.51 -3.29
CA VAL A 205 -18.04 -17.47 -2.65
C VAL A 205 -17.75 -18.58 -3.65
N ALA A 206 -16.45 -18.87 -3.84
CA ALA A 206 -16.00 -19.89 -4.77
C ALA A 206 -15.17 -20.93 -4.03
N HIS A 207 -15.50 -22.20 -4.28
CA HIS A 207 -14.86 -23.36 -3.65
C HIS A 207 -14.39 -24.31 -4.75
N PRO A 208 -13.11 -24.23 -5.15
CA PRO A 208 -12.63 -25.13 -6.22
C PRO A 208 -12.76 -26.61 -5.90
N ALA A 209 -12.63 -26.99 -4.62
CA ALA A 209 -12.60 -28.41 -4.28
C ALA A 209 -13.91 -29.11 -4.66
N SER A 210 -15.05 -28.48 -4.37
CA SER A 210 -16.34 -29.01 -4.76
C SER A 210 -16.87 -28.38 -6.04
N SER A 211 -16.10 -27.49 -6.67
CA SER A 211 -16.52 -26.78 -7.88
C SER A 211 -17.81 -26.01 -7.63
N THR A 212 -17.80 -25.18 -6.60
CA THR A 212 -18.98 -24.46 -6.14
C THR A 212 -18.80 -22.97 -6.38
N LYS A 213 -19.83 -22.32 -6.92
CA LYS A 213 -19.91 -20.87 -7.05
C LYS A 213 -21.28 -20.43 -6.55
N VAL A 214 -21.31 -19.66 -5.46
CA VAL A 214 -22.57 -19.23 -4.86
C VAL A 214 -22.55 -17.72 -4.64
N ASP A 215 -23.72 -17.11 -4.78
CA ASP A 215 -23.89 -15.66 -4.61
C ASP A 215 -25.06 -15.43 -3.66
N LYS A 216 -24.82 -14.70 -2.58
CA LYS A 216 -25.83 -14.42 -1.56
C LYS A 216 -26.06 -12.93 -1.45
N LYS A 217 -27.28 -12.50 -1.77
CA LYS A 217 -27.70 -11.11 -1.56
C LYS A 217 -28.18 -10.88 -0.13
N ILE A 218 -27.77 -9.77 0.47
CA ILE A 218 -28.16 -9.40 1.81
C ILE A 218 -29.40 -8.52 1.74
N VAL A 219 -30.48 -8.93 2.42
CA VAL A 219 -31.71 -8.15 2.48
C VAL A 219 -32.04 -7.82 3.92
N PRO A 220 -32.47 -6.58 4.23
CA PRO A 220 -32.85 -6.18 5.58
C PRO A 220 -34.01 -6.99 6.15
N ASP B 1 22.56 -27.47 22.09
CA ASP B 1 22.30 -26.46 21.07
C ASP B 1 22.72 -25.08 21.55
N ILE B 2 22.91 -24.17 20.60
CA ILE B 2 23.12 -22.76 20.91
C ILE B 2 21.75 -22.09 20.91
N LEU B 3 21.55 -21.12 21.80
CA LEU B 3 20.26 -20.45 21.92
C LEU B 3 20.39 -19.02 21.43
N MET B 4 19.60 -18.67 20.41
CA MET B 4 19.53 -17.31 19.89
C MET B 4 18.28 -16.64 20.45
N THR B 5 18.46 -15.53 21.15
CA THR B 5 17.36 -14.73 21.68
C THR B 5 17.51 -13.32 21.12
N GLN B 6 16.83 -13.05 20.01
CA GLN B 6 16.88 -11.74 19.38
C GLN B 6 15.71 -10.90 19.87
N SER B 7 15.98 -9.63 20.13
CA SER B 7 14.99 -8.70 20.65
C SER B 7 15.05 -7.40 19.87
N PRO B 8 13.93 -6.66 19.80
CA PRO B 8 12.65 -7.00 20.43
C PRO B 8 11.82 -7.94 19.57
N SER B 9 10.71 -8.44 20.14
CA SER B 9 9.81 -9.30 19.37
C SER B 9 9.25 -8.56 18.16
N SER B 10 8.86 -7.31 18.36
CA SER B 10 8.41 -6.45 17.27
C SER B 10 8.53 -5.01 17.71
N MET B 11 8.57 -4.10 16.74
CA MET B 11 8.57 -2.69 17.03
C MET B 11 7.89 -1.96 15.87
N SER B 12 7.25 -0.84 16.18
CA SER B 12 6.55 -0.03 15.19
C SER B 12 7.42 1.18 14.86
N VAL B 13 7.89 1.23 13.62
CA VAL B 13 8.84 2.25 13.20
C VAL B 13 8.26 3.03 12.04
N SER B 14 8.64 4.30 11.96
CA SER B 14 8.21 5.19 10.89
C SER B 14 9.15 5.06 9.69
N LEU B 15 8.72 5.63 8.56
CA LEU B 15 9.55 5.66 7.37
C LEU B 15 10.76 6.57 7.60
N GLY B 16 11.80 6.33 6.80
CA GLY B 16 13.00 7.14 6.91
C GLY B 16 13.76 6.99 8.20
N ASP B 17 13.45 5.98 8.99
CA ASP B 17 14.06 5.82 10.31
C ASP B 17 15.36 5.04 10.21
N THR B 18 16.02 4.90 11.36
CA THR B 18 17.17 4.02 11.53
C THR B 18 16.92 3.14 12.74
N VAL B 19 16.93 1.82 12.53
CA VAL B 19 16.58 0.87 13.58
C VAL B 19 17.72 -0.13 13.73
N SER B 20 17.77 -0.75 14.91
CA SER B 20 18.73 -1.80 15.19
C SER B 20 18.02 -2.91 15.94
N ILE B 21 18.12 -4.13 15.40
CA ILE B 21 17.61 -5.33 16.05
C ILE B 21 18.77 -6.01 16.76
N THR B 22 18.56 -6.35 18.04
CA THR B 22 19.55 -7.04 18.83
C THR B 22 19.39 -8.54 18.68
N CYS B 23 20.49 -9.26 18.88
CA CYS B 23 20.49 -10.71 18.88
C CYS B 23 21.51 -11.20 19.90
N HIS B 24 21.12 -12.19 20.70
CA HIS B 24 21.90 -12.64 21.84
C HIS B 24 22.02 -14.16 21.82
N ALA B 25 23.26 -14.64 21.68
CA ALA B 25 23.54 -16.07 21.71
C ALA B 25 23.93 -16.49 23.13
N SER B 26 23.77 -17.79 23.40
CA SER B 26 24.11 -18.34 24.71
C SER B 26 25.60 -18.42 24.96
N GLN B 27 26.42 -18.22 23.93
CA GLN B 27 27.87 -18.18 24.07
C GLN B 27 28.45 -17.41 22.89
N GLY B 28 29.69 -16.95 23.07
CA GLY B 28 30.36 -16.24 22.00
C GLY B 28 30.47 -17.10 20.75
N ILE B 29 30.25 -16.47 19.59
CA ILE B 29 30.22 -17.20 18.33
C ILE B 29 31.16 -16.56 17.31
N SER B 30 31.98 -15.62 17.78
CA SER B 30 33.04 -15.00 16.98
C SER B 30 32.55 -14.61 15.58
N SER B 31 31.47 -13.83 15.56
CA SER B 31 30.95 -13.20 14.35
C SER B 31 30.51 -14.21 13.28
N ASN B 32 30.17 -15.43 13.66
CA ASN B 32 29.57 -16.37 12.70
C ASN B 32 28.06 -16.36 12.83
N ILE B 33 27.49 -15.20 12.50
CA ILE B 33 26.05 -14.96 12.62
C ILE B 33 25.54 -14.36 11.31
N GLY B 34 24.41 -14.87 10.83
CA GLY B 34 23.79 -14.41 9.60
C GLY B 34 22.44 -13.77 9.83
N TRP B 35 21.98 -12.96 8.89
CA TRP B 35 20.74 -12.20 9.04
C TRP B 35 19.79 -12.47 7.87
N LEU B 36 18.52 -12.70 8.19
CA LEU B 36 17.51 -13.10 7.22
C LEU B 36 16.31 -12.16 7.30
N GLN B 37 15.65 -11.97 6.16
CA GLN B 37 14.47 -11.12 6.07
C GLN B 37 13.38 -11.83 5.26
N GLN B 38 12.13 -11.72 5.72
CA GLN B 38 10.98 -12.24 5.00
C GLN B 38 9.94 -11.15 4.82
N LYS B 39 9.69 -10.78 3.57
CA LYS B 39 8.63 -9.87 3.17
C LYS B 39 7.28 -10.59 3.15
N PRO B 40 6.17 -9.85 3.23
CA PRO B 40 4.85 -10.51 3.17
C PRO B 40 4.57 -11.03 1.77
N GLY B 41 4.23 -12.32 1.68
CA GLY B 41 3.91 -12.94 0.42
C GLY B 41 5.10 -13.22 -0.47
N LYS B 42 6.32 -12.98 0.00
CA LYS B 42 7.52 -13.22 -0.79
C LYS B 42 8.53 -13.97 0.08
N SER B 43 9.49 -14.62 -0.57
CA SER B 43 10.39 -15.57 0.05
C SER B 43 11.42 -14.85 0.93
N PHE B 44 12.36 -15.63 1.46
CA PHE B 44 13.44 -15.15 2.31
C PHE B 44 14.59 -14.63 1.46
N LYS B 45 15.57 -14.01 2.12
CA LYS B 45 16.74 -13.48 1.42
C LYS B 45 17.85 -13.27 2.43
N GLY B 46 19.01 -13.89 2.17
CA GLY B 46 20.17 -13.65 3.01
C GLY B 46 20.73 -12.26 2.77
N LEU B 47 20.91 -11.51 3.86
CA LEU B 47 21.45 -10.16 3.79
C LEU B 47 22.86 -10.06 4.34
N ILE B 48 23.13 -10.65 5.50
CA ILE B 48 24.40 -10.50 6.18
C ILE B 48 24.94 -11.89 6.50
N TYR B 49 26.23 -12.09 6.21
CA TYR B 49 26.93 -13.33 6.53
C TYR B 49 28.24 -13.01 7.24
N HIS B 50 28.63 -13.91 8.14
CA HIS B 50 29.84 -13.76 8.94
C HIS B 50 29.83 -12.40 9.67
N GLY B 51 28.75 -12.15 10.39
CA GLY B 51 28.67 -11.00 11.27
C GLY B 51 28.46 -9.66 10.61
N THR B 52 29.46 -9.20 9.84
CA THR B 52 29.47 -7.83 9.34
C THR B 52 29.54 -7.71 7.83
N ASN B 53 29.57 -8.81 7.09
CA ASN B 53 29.71 -8.75 5.64
C ASN B 53 28.34 -8.72 4.98
N LEU B 54 28.22 -7.92 3.93
CA LEU B 54 26.96 -7.70 3.22
C LEU B 54 27.01 -8.44 1.89
N GLU B 55 25.86 -8.95 1.47
CA GLU B 55 25.85 -9.81 0.29
C GLU B 55 25.61 -9.01 -0.99
N ASP B 56 25.80 -9.68 -2.12
CA ASP B 56 25.57 -9.05 -3.42
C ASP B 56 24.09 -8.80 -3.66
N GLY B 57 23.78 -7.67 -4.28
CA GLY B 57 22.40 -7.27 -4.49
C GLY B 57 21.63 -6.93 -3.22
N VAL B 58 22.30 -6.31 -2.26
CA VAL B 58 21.64 -5.88 -1.02
C VAL B 58 22.02 -4.42 -0.77
N PRO B 59 21.05 -3.55 -0.46
CA PRO B 59 21.35 -2.11 -0.38
C PRO B 59 22.34 -1.77 0.72
N SER B 60 22.93 -0.58 0.57
CA SER B 60 23.91 -0.08 1.54
C SER B 60 23.29 0.28 2.88
N ARG B 61 21.97 0.42 2.96
CA ARG B 61 21.31 0.80 4.21
C ARG B 61 21.57 -0.23 5.31
N PHE B 62 21.77 -1.49 4.95
CA PHE B 62 21.95 -2.55 5.92
C PHE B 62 23.39 -2.60 6.41
N SER B 63 23.56 -2.93 7.68
CA SER B 63 24.89 -3.15 8.24
C SER B 63 24.79 -4.05 9.45
N GLY B 64 25.92 -4.62 9.83
CA GLY B 64 25.98 -5.50 10.98
C GLY B 64 27.03 -5.05 11.99
N SER B 65 26.82 -5.43 13.25
CA SER B 65 27.73 -5.03 14.32
C SER B 65 27.66 -6.04 15.44
N GLY B 66 28.65 -6.01 16.31
CA GLY B 66 28.65 -6.84 17.50
C GLY B 66 29.84 -7.77 17.52
N SER B 67 29.90 -8.55 18.60
CA SER B 67 30.97 -9.52 18.82
C SER B 67 30.57 -10.38 20.00
N GLY B 68 31.41 -11.37 20.30
CA GLY B 68 31.15 -12.29 21.38
C GLY B 68 29.81 -12.98 21.20
N ALA B 69 28.85 -12.61 22.05
CA ALA B 69 27.50 -13.18 21.97
C ALA B 69 26.43 -12.11 21.75
N ASP B 70 26.82 -10.85 21.54
CA ASP B 70 25.86 -9.77 21.34
C ASP B 70 26.07 -9.17 19.96
N TYR B 71 25.00 -9.13 19.16
CA TYR B 71 25.11 -8.66 17.79
C TYR B 71 23.89 -7.81 17.44
N SER B 72 24.00 -7.04 16.36
CA SER B 72 23.01 -6.02 16.02
C SER B 72 22.95 -5.83 14.51
N LEU B 73 21.73 -5.84 13.97
CA LEU B 73 21.47 -5.50 12.58
C LEU B 73 20.92 -4.08 12.51
N THR B 74 21.44 -3.27 11.59
CA THR B 74 21.14 -1.85 11.55
C THR B 74 20.68 -1.42 10.17
N ILE B 75 19.63 -0.59 10.15
CA ILE B 75 19.08 0.02 8.95
C ILE B 75 19.03 1.53 9.16
N SER B 76 19.40 2.28 8.13
CA SER B 76 19.41 3.74 8.19
C SER B 76 18.56 4.33 7.07
N SER B 77 17.85 5.42 7.38
CA SER B 77 16.96 6.10 6.43
C SER B 77 16.01 5.11 5.75
N LEU B 78 15.16 4.50 6.58
CA LEU B 78 14.35 3.37 6.19
C LEU B 78 13.45 3.66 4.99
N GLU B 79 13.43 2.75 4.03
CA GLU B 79 12.58 2.86 2.86
C GLU B 79 11.40 1.90 3.00
N SER B 80 10.46 2.05 2.06
CA SER B 80 9.18 1.34 2.16
C SER B 80 9.35 -0.18 2.20
N GLU B 81 10.31 -0.70 1.44
CA GLU B 81 10.44 -2.14 1.23
C GLU B 81 11.19 -2.86 2.34
N ASP B 82 11.26 -2.29 3.54
CA ASP B 82 11.94 -2.89 4.67
C ASP B 82 10.99 -3.35 5.77
N PHE B 83 9.68 -3.17 5.61
CA PHE B 83 8.71 -3.59 6.62
C PHE B 83 8.47 -5.07 6.44
N ALA B 84 9.17 -5.88 7.23
CA ALA B 84 9.18 -7.32 7.07
C ALA B 84 9.64 -7.97 8.37
N ASP B 85 9.92 -9.27 8.33
CA ASP B 85 10.40 -9.99 9.49
C ASP B 85 11.90 -10.23 9.36
N TYR B 86 12.58 -10.28 10.50
CA TYR B 86 14.02 -10.42 10.52
C TYR B 86 14.44 -11.46 11.54
N TYR B 87 15.45 -12.26 11.18
CA TYR B 87 15.91 -13.36 12.02
C TYR B 87 17.43 -13.40 12.03
N CYS B 88 18.02 -13.81 13.15
CA CYS B 88 19.46 -14.04 13.25
C CYS B 88 19.71 -15.53 13.37
N VAL B 89 20.63 -16.04 12.56
CA VAL B 89 20.96 -17.46 12.50
C VAL B 89 22.41 -17.62 12.92
N GLN B 90 22.71 -18.72 13.59
CA GLN B 90 24.08 -19.04 13.98
C GLN B 90 24.56 -20.28 13.24
N TYR B 91 25.84 -20.25 12.84
CA TYR B 91 26.47 -21.36 12.14
C TYR B 91 27.74 -21.81 12.85
N VAL B 92 27.91 -21.42 14.11
CA VAL B 92 29.12 -21.76 14.86
C VAL B 92 29.19 -23.24 15.20
N GLN B 93 28.05 -23.93 15.28
CA GLN B 93 28.05 -25.32 15.74
C GLN B 93 26.71 -25.95 15.44
N PHE B 94 26.72 -27.27 15.23
CA PHE B 94 25.48 -28.00 14.99
C PHE B 94 24.68 -28.11 16.29
N PRO B 95 23.34 -28.00 16.21
CA PRO B 95 22.56 -27.68 15.01
C PRO B 95 22.48 -26.18 14.76
N TYR B 96 22.27 -25.77 13.51
CA TYR B 96 22.05 -24.35 13.26
C TYR B 96 20.74 -23.93 13.92
N THR B 97 20.82 -23.16 15.00
CA THR B 97 19.63 -22.66 15.66
C THR B 97 19.30 -21.28 15.12
N LEU B 98 18.02 -20.98 15.05
CA LEU B 98 17.56 -19.68 14.58
C LEU B 98 17.01 -18.84 15.73
N GLY B 99 17.05 -17.53 15.56
CA GLY B 99 16.49 -16.62 16.53
C GLY B 99 14.98 -16.63 16.51
N GLY B 100 14.40 -15.80 17.37
CA GLY B 100 12.98 -15.78 17.54
C GLY B 100 12.32 -14.97 16.44
N GLY B 101 12.84 -13.79 16.19
CA GLY B 101 12.27 -13.00 15.09
C GLY B 101 11.76 -11.65 15.56
N THR B 102 12.12 -10.62 14.81
CA THR B 102 11.64 -9.26 15.03
C THR B 102 10.86 -8.84 13.81
N LYS B 103 9.70 -8.23 14.04
CA LYS B 103 8.87 -7.73 12.95
C LYS B 103 8.81 -6.21 13.03
N LEU B 104 8.65 -5.59 11.86
CA LEU B 104 8.54 -4.14 11.76
C LEU B 104 7.17 -3.79 11.19
N GLU B 105 6.57 -2.75 11.75
CA GLU B 105 5.27 -2.28 11.31
C GLU B 105 5.29 -0.76 11.26
N ILE B 106 4.37 -0.19 10.49
CA ILE B 106 4.32 1.25 10.31
C ILE B 106 3.75 1.89 11.57
N LYS B 107 4.43 2.92 12.07
CA LYS B 107 3.97 3.62 13.25
C LYS B 107 2.77 4.48 12.87
N ARG B 108 1.60 4.10 13.37
CA ARG B 108 0.34 4.79 13.13
C ARG B 108 -0.20 5.32 14.45
N ALA B 109 -1.27 6.11 14.35
CA ALA B 109 -1.95 6.59 15.55
C ALA B 109 -3.02 5.58 15.93
N ASP B 110 -3.78 5.87 16.98
CA ASP B 110 -4.77 4.92 17.49
C ASP B 110 -5.99 4.89 16.58
N GLY B 111 -7.04 4.22 17.01
CA GLY B 111 -8.22 4.02 16.19
C GLY B 111 -9.35 3.46 17.02
N ALA B 112 -10.50 3.30 16.38
CA ALA B 112 -11.75 2.92 17.06
C ALA B 112 -12.45 1.80 16.31
N PRO B 113 -12.63 0.63 16.92
CA PRO B 113 -13.29 -0.49 16.23
C PRO B 113 -14.73 -0.15 15.86
N THR B 114 -15.13 -0.61 14.67
CA THR B 114 -16.47 -0.43 14.16
C THR B 114 -17.43 -1.52 14.63
N VAL B 115 -17.20 -2.01 15.85
CA VAL B 115 -17.80 -3.24 16.34
C VAL B 115 -19.30 -3.26 16.08
N SER B 116 -19.78 -4.35 15.49
CA SER B 116 -21.14 -4.54 15.02
C SER B 116 -21.81 -5.68 15.78
N ILE B 117 -23.12 -5.82 15.57
CA ILE B 117 -23.96 -6.72 16.36
C ILE B 117 -24.21 -8.02 15.60
N PHE B 118 -24.78 -7.90 14.39
CA PHE B 118 -25.02 -9.00 13.46
C PHE B 118 -25.73 -10.20 14.08
N PRO B 119 -27.05 -10.14 14.22
CA PRO B 119 -27.82 -11.28 14.75
C PRO B 119 -27.80 -12.45 13.78
N PRO B 120 -28.06 -13.67 14.25
CA PRO B 120 -27.92 -14.85 13.39
C PRO B 120 -28.89 -14.82 12.21
N SER B 121 -28.50 -15.51 11.14
CA SER B 121 -29.26 -15.53 9.91
C SER B 121 -30.43 -16.52 9.98
N SER B 122 -31.31 -16.44 8.98
CA SER B 122 -32.44 -17.35 8.89
C SER B 122 -32.05 -18.68 8.26
N GLU B 123 -31.29 -18.63 7.16
CA GLU B 123 -30.87 -19.87 6.50
C GLU B 123 -29.99 -20.71 7.41
N GLN B 124 -29.10 -20.05 8.16
CA GLN B 124 -28.30 -20.75 9.18
C GLN B 124 -29.19 -21.53 10.13
N LEU B 125 -30.35 -20.98 10.47
CA LEU B 125 -31.27 -21.66 11.38
C LEU B 125 -32.04 -22.76 10.68
N THR B 126 -32.42 -22.55 9.42
CA THR B 126 -33.12 -23.59 8.67
C THR B 126 -32.24 -24.82 8.51
N SER B 127 -30.95 -24.62 8.25
CA SER B 127 -30.00 -25.73 8.29
C SER B 127 -29.91 -26.31 9.70
N GLY B 128 -30.00 -25.45 10.72
CA GLY B 128 -30.00 -25.91 12.10
C GLY B 128 -29.06 -25.15 13.02
N GLY B 129 -27.97 -24.63 12.46
CA GLY B 129 -26.98 -23.94 13.27
C GLY B 129 -27.41 -22.56 13.71
N ALA B 130 -26.63 -22.00 14.65
CA ALA B 130 -26.86 -20.66 15.16
C ALA B 130 -25.52 -20.04 15.52
N SER B 131 -25.17 -18.93 14.87
CA SER B 131 -23.89 -18.28 15.09
C SER B 131 -24.07 -16.76 15.03
N VAL B 132 -23.56 -16.07 16.04
CA VAL B 132 -23.68 -14.61 16.13
C VAL B 132 -22.31 -14.02 15.84
N VAL B 133 -22.24 -13.14 14.85
CA VAL B 133 -20.98 -12.58 14.38
C VAL B 133 -20.78 -11.19 14.97
N CYS B 134 -19.54 -10.86 15.30
CA CYS B 134 -19.15 -9.55 15.84
C CYS B 134 -17.88 -9.14 15.11
N PHE B 135 -18.04 -8.26 14.13
CA PHE B 135 -16.92 -7.75 13.34
C PHE B 135 -16.32 -6.54 14.02
N LEU B 136 -14.99 -6.45 14.03
CA LEU B 136 -14.26 -5.33 14.66
C LEU B 136 -13.24 -4.86 13.64
N ASN B 137 -13.62 -3.88 12.81
CA ASN B 137 -12.84 -3.47 11.66
C ASN B 137 -12.03 -2.22 11.96
N ASN B 138 -10.81 -2.17 11.39
CA ASN B 138 -10.02 -0.96 11.27
C ASN B 138 -9.70 -0.34 12.63
N PHE B 139 -8.90 -1.08 13.41
CA PHE B 139 -8.41 -0.60 14.69
C PHE B 139 -6.90 -0.76 14.76
N TYR B 140 -6.30 -0.13 15.77
CA TYR B 140 -4.85 -0.15 16.01
C TYR B 140 -4.62 0.12 17.47
N PRO B 141 -3.68 -0.58 18.14
CA PRO B 141 -2.78 -1.65 17.68
C PRO B 141 -3.29 -3.07 17.88
N LYS B 142 -2.36 -4.04 17.83
CA LYS B 142 -2.74 -5.45 17.94
C LYS B 142 -3.42 -5.75 19.27
N ASP B 143 -3.01 -5.08 20.35
CA ASP B 143 -3.52 -5.40 21.67
C ASP B 143 -4.99 -5.04 21.76
N ILE B 144 -5.85 -6.07 21.80
CA ILE B 144 -7.28 -5.90 21.98
C ILE B 144 -7.83 -7.19 22.57
N ASN B 145 -8.86 -7.08 23.40
CA ASN B 145 -9.48 -8.23 24.04
C ASN B 145 -10.96 -8.21 23.73
N VAL B 146 -11.55 -9.38 23.50
CA VAL B 146 -12.98 -9.49 23.23
C VAL B 146 -13.59 -10.58 24.10
N LYS B 147 -14.74 -10.28 24.69
CA LYS B 147 -15.52 -11.23 25.47
C LYS B 147 -16.97 -11.18 24.98
N TRP B 148 -17.69 -12.28 25.20
CA TRP B 148 -19.11 -12.33 24.93
C TRP B 148 -19.90 -12.40 26.24
N LYS B 149 -21.11 -11.86 26.21
CA LYS B 149 -21.98 -11.79 27.38
C LYS B 149 -23.39 -12.18 26.98
N ILE B 150 -23.90 -13.26 27.56
CA ILE B 150 -25.29 -13.63 27.36
C ILE B 150 -26.07 -13.03 28.53
N ASP B 151 -26.83 -11.98 28.24
CA ASP B 151 -27.53 -11.17 29.24
C ASP B 151 -26.69 -10.97 30.50
N GLY B 152 -25.46 -10.48 30.29
CA GLY B 152 -24.57 -10.13 31.38
C GLY B 152 -23.62 -11.22 31.83
N SER B 153 -23.89 -12.48 31.50
CA SER B 153 -23.09 -13.60 31.99
C SER B 153 -21.98 -13.92 31.00
N GLU B 154 -20.75 -14.01 31.51
CA GLU B 154 -19.61 -14.30 30.65
C GLU B 154 -19.62 -15.76 30.20
N ARG B 155 -19.66 -15.97 28.88
CA ARG B 155 -19.65 -17.29 28.27
C ARG B 155 -18.34 -17.45 27.49
N GLN B 156 -17.36 -18.10 28.11
CA GLN B 156 -16.08 -18.32 27.44
C GLN B 156 -16.22 -19.32 26.29
N ASN B 157 -17.02 -20.35 26.47
CA ASN B 157 -17.11 -21.41 25.47
C ASN B 157 -17.94 -20.95 24.27
N GLY B 158 -17.66 -21.56 23.12
CA GLY B 158 -18.43 -21.29 21.92
C GLY B 158 -17.96 -20.09 21.12
N VAL B 159 -16.75 -19.62 21.34
CA VAL B 159 -16.22 -18.42 20.68
C VAL B 159 -15.14 -18.83 19.69
N LEU B 160 -15.19 -18.23 18.51
CA LEU B 160 -14.22 -18.48 17.45
C LEU B 160 -13.75 -17.15 16.89
N ASN B 161 -12.46 -16.87 17.01
CA ASN B 161 -11.89 -15.60 16.57
C ASN B 161 -10.95 -15.79 15.39
N SER B 162 -10.94 -14.80 14.49
CA SER B 162 -10.03 -14.77 13.35
C SER B 162 -9.42 -13.38 13.25
N TRP B 163 -8.11 -13.33 13.04
CA TRP B 163 -7.33 -12.11 12.97
C TRP B 163 -6.89 -11.84 11.54
N THR B 164 -6.60 -10.57 11.25
CA THR B 164 -6.03 -10.17 9.98
C THR B 164 -4.54 -9.87 10.14
N ASP B 165 -3.79 -10.08 9.06
CA ASP B 165 -2.34 -10.21 9.14
C ASP B 165 -1.59 -8.89 8.95
N GLN B 166 -2.07 -8.02 8.07
CA GLN B 166 -1.28 -6.86 7.66
C GLN B 166 -2.05 -5.56 7.78
N ASP B 167 -1.34 -4.51 8.20
CA ASP B 167 -1.82 -3.14 8.05
C ASP B 167 -2.17 -2.84 6.60
N SER B 168 -1.30 -3.25 5.69
CA SER B 168 -1.51 -3.12 4.23
C SER B 168 -1.69 -1.64 3.89
N LYS B 169 -2.53 -1.31 2.91
CA LYS B 169 -2.74 0.09 2.54
C LYS B 169 -3.48 0.85 3.64
N ASP B 170 -4.50 0.23 4.24
CA ASP B 170 -5.27 0.89 5.29
C ASP B 170 -4.45 1.13 6.56
N SER B 171 -3.28 0.49 6.67
CA SER B 171 -2.36 0.69 7.80
C SER B 171 -3.00 0.30 9.13
N THR B 172 -3.96 -0.63 9.10
CA THR B 172 -4.74 -0.95 10.29
C THR B 172 -4.99 -2.44 10.39
N TYR B 173 -5.52 -2.85 11.54
CA TYR B 173 -5.83 -4.25 11.87
C TYR B 173 -7.34 -4.46 11.84
N SER B 174 -7.74 -5.74 11.92
CA SER B 174 -9.15 -6.08 11.97
C SER B 174 -9.31 -7.46 12.61
N MET B 175 -10.50 -7.72 13.14
CA MET B 175 -10.77 -8.95 13.87
C MET B 175 -12.23 -9.35 13.65
N SER B 176 -12.48 -10.66 13.76
CA SER B 176 -13.84 -11.18 13.71
C SER B 176 -14.03 -12.19 14.84
N SER B 177 -15.14 -12.07 15.57
CA SER B 177 -15.43 -13.00 16.66
C SER B 177 -16.83 -13.56 16.50
N THR B 178 -16.96 -14.88 16.53
CA THR B 178 -18.23 -15.55 16.32
C THR B 178 -18.58 -16.36 17.56
N LEU B 179 -19.66 -15.97 18.23
CA LEU B 179 -20.23 -16.79 19.30
C LEU B 179 -21.21 -17.73 18.60
N THR B 180 -20.73 -18.93 18.26
CA THR B 180 -21.54 -19.92 17.60
C THR B 180 -22.01 -20.95 18.62
N LEU B 181 -23.32 -21.04 18.80
CA LEU B 181 -23.93 -21.94 19.77
C LEU B 181 -24.88 -22.87 19.01
N THR B 182 -25.65 -23.64 19.78
CA THR B 182 -26.67 -24.51 19.21
C THR B 182 -28.04 -23.86 19.37
N LYS B 183 -28.97 -24.27 18.51
CA LYS B 183 -30.28 -23.63 18.42
C LYS B 183 -31.08 -23.76 19.71
N ASP B 184 -31.07 -24.96 20.32
CA ASP B 184 -31.85 -25.22 21.53
C ASP B 184 -31.52 -24.23 22.64
N GLU B 185 -30.28 -23.78 22.73
CA GLU B 185 -29.89 -22.82 23.76
C GLU B 185 -29.91 -21.37 23.28
N TYR B 186 -29.79 -21.13 21.98
CA TYR B 186 -29.94 -19.77 21.49
C TYR B 186 -31.38 -19.28 21.65
N GLU B 187 -32.36 -20.18 21.57
CA GLU B 187 -33.75 -19.75 21.66
C GLU B 187 -34.23 -19.60 23.11
N ARG B 188 -33.32 -19.40 24.07
CA ARG B 188 -33.70 -19.26 25.47
C ARG B 188 -33.30 -17.92 26.07
N HIS B 189 -32.59 -17.07 25.34
CA HIS B 189 -32.02 -15.85 25.91
C HIS B 189 -32.47 -14.63 25.12
N ASN B 190 -32.30 -13.47 25.73
CA ASN B 190 -32.74 -12.19 25.17
C ASN B 190 -31.57 -11.28 24.77
N SER B 191 -30.64 -11.03 25.67
CA SER B 191 -29.54 -10.09 25.43
C SER B 191 -28.30 -10.84 24.96
N TYR B 192 -27.56 -10.20 24.04
CA TYR B 192 -26.41 -10.83 23.40
C TYR B 192 -25.37 -9.73 23.17
N THR B 193 -24.26 -9.79 23.89
CA THR B 193 -23.36 -8.66 24.06
C THR B 193 -21.94 -9.03 23.65
N CYS B 194 -21.27 -8.09 22.98
CA CYS B 194 -19.89 -8.26 22.49
C CYS B 194 -19.03 -7.18 23.15
N GLU B 195 -18.49 -7.49 24.33
CA GLU B 195 -17.72 -6.52 25.10
C GLU B 195 -16.27 -6.56 24.65
N ALA B 196 -15.83 -5.52 23.95
CA ALA B 196 -14.47 -5.43 23.43
C ALA B 196 -13.69 -4.37 24.19
N THR B 197 -12.60 -4.80 24.82
CA THR B 197 -11.72 -3.90 25.57
C THR B 197 -10.52 -3.53 24.70
N HIS B 198 -10.34 -2.22 24.50
CA HIS B 198 -9.21 -1.68 23.76
C HIS B 198 -8.62 -0.52 24.56
N LYS B 199 -7.40 -0.12 24.20
CA LYS B 199 -6.71 0.95 24.92
C LYS B 199 -7.48 2.27 24.87
N THR B 200 -8.33 2.47 23.86
CA THR B 200 -8.93 3.78 23.63
C THR B 200 -9.96 4.15 24.69
N SER B 201 -10.79 3.20 25.12
CA SER B 201 -11.88 3.47 26.02
C SER B 201 -11.64 2.78 27.35
N THR B 202 -11.67 3.56 28.45
CA THR B 202 -11.57 2.95 29.77
C THR B 202 -12.73 2.01 30.03
N SER B 203 -13.95 2.43 29.65
CA SER B 203 -15.04 1.46 29.74
C SER B 203 -15.37 0.93 28.36
N PRO B 204 -15.55 -0.37 28.21
CA PRO B 204 -15.74 -0.95 26.87
C PRO B 204 -17.18 -0.92 26.39
N ILE B 205 -17.65 0.15 25.74
CA ILE B 205 -19.01 0.15 25.20
C ILE B 205 -19.26 -1.09 24.35
N VAL B 206 -20.39 -1.73 24.58
CA VAL B 206 -20.72 -3.02 24.02
C VAL B 206 -21.78 -2.86 22.93
N LYS B 207 -21.93 -3.91 22.12
CA LYS B 207 -22.98 -3.98 21.10
C LYS B 207 -23.88 -5.15 21.42
N SER B 208 -25.18 -4.92 21.43
CA SER B 208 -26.13 -5.92 21.90
C SER B 208 -27.42 -5.82 21.10
N PHE B 209 -28.24 -6.87 21.22
CA PHE B 209 -29.54 -6.89 20.57
C PHE B 209 -30.47 -7.79 21.37
N ASN B 210 -31.77 -7.61 21.15
CA ASN B 210 -32.78 -8.46 21.76
C ASN B 210 -33.52 -9.28 20.69
N VAL C 2 -25.65 6.27 -12.18
CA VAL C 2 -25.94 7.48 -11.42
C VAL C 2 -24.69 8.35 -11.44
N GLN C 3 -23.54 7.74 -11.73
CA GLN C 3 -22.26 8.44 -11.72
C GLN C 3 -21.96 9.15 -13.05
N LEU C 4 -22.94 9.16 -13.97
CA LEU C 4 -22.87 9.93 -15.21
C LEU C 4 -21.87 9.35 -16.19
N GLN C 5 -21.70 10.02 -17.33
CA GLN C 5 -20.76 9.65 -18.37
C GLN C 5 -20.48 10.89 -19.19
N GLN C 6 -19.34 10.90 -19.88
CA GLN C 6 -18.94 12.09 -20.63
C GLN C 6 -18.27 11.68 -21.93
N SER C 7 -18.25 12.63 -22.87
CA SER C 7 -17.61 12.44 -24.17
C SER C 7 -16.13 12.12 -24.00
N GLY C 8 -15.59 11.40 -24.99
CA GLY C 8 -14.19 11.06 -25.03
C GLY C 8 -13.32 12.25 -25.41
N PRO C 9 -12.02 12.16 -25.09
CA PRO C 9 -11.11 13.26 -25.42
C PRO C 9 -10.96 13.46 -26.92
N GLU C 10 -10.82 14.72 -27.33
CA GLU C 10 -10.61 15.08 -28.72
C GLU C 10 -9.30 15.84 -28.87
N LEU C 11 -8.69 15.69 -30.05
CA LEU C 11 -7.45 16.35 -30.43
C LEU C 11 -7.79 17.35 -31.52
N VAL C 12 -7.84 18.63 -31.15
CA VAL C 12 -8.28 19.69 -32.05
C VAL C 12 -7.17 20.72 -32.22
N LYS C 13 -7.26 21.43 -33.34
CA LYS C 13 -6.37 22.50 -33.80
C LYS C 13 -7.01 23.86 -33.51
N PRO C 14 -6.20 24.92 -33.35
CA PRO C 14 -6.78 26.20 -32.96
C PRO C 14 -7.72 26.76 -34.02
N GLY C 15 -8.73 27.50 -33.55
CA GLY C 15 -9.73 28.06 -34.44
C GLY C 15 -10.88 27.15 -34.78
N ALA C 16 -11.03 26.01 -34.09
CA ALA C 16 -11.97 24.97 -34.46
C ALA C 16 -13.06 24.83 -33.41
N SER C 17 -14.26 24.48 -33.87
CA SER C 17 -15.38 24.23 -32.95
C SER C 17 -15.44 22.75 -32.59
N VAL C 18 -15.66 22.48 -31.31
CA VAL C 18 -15.76 21.11 -30.81
C VAL C 18 -17.00 20.97 -29.95
N LYS C 19 -17.61 19.79 -29.99
CA LYS C 19 -18.83 19.52 -29.24
C LYS C 19 -18.56 18.38 -28.26
N ILE C 20 -19.04 18.53 -27.03
CA ILE C 20 -18.75 17.62 -25.94
C ILE C 20 -20.07 17.17 -25.33
N SER C 21 -20.16 15.88 -24.98
CA SER C 21 -21.40 15.28 -24.53
C SER C 21 -21.31 14.83 -23.07
N CYS C 22 -22.47 14.79 -22.41
CA CYS C 22 -22.58 14.34 -21.03
C CYS C 22 -24.00 13.79 -20.83
N LYS C 23 -24.12 12.47 -20.71
CA LYS C 23 -25.42 11.80 -20.73
C LYS C 23 -25.85 11.44 -19.33
N ALA C 24 -27.08 11.80 -18.96
CA ALA C 24 -27.57 11.64 -17.60
C ALA C 24 -28.42 10.38 -17.48
N SER C 25 -27.98 9.47 -16.61
CA SER C 25 -28.69 8.23 -16.33
C SER C 25 -28.59 7.93 -14.84
N GLY C 26 -29.63 7.30 -14.29
CA GLY C 26 -29.64 6.91 -12.90
C GLY C 26 -30.49 7.79 -12.00
N TYR C 27 -31.01 8.89 -12.50
CA TYR C 27 -31.80 9.82 -11.71
C TYR C 27 -32.76 10.54 -12.66
N SER C 28 -33.50 11.51 -12.12
CA SER C 28 -34.45 12.28 -12.92
C SER C 28 -33.69 13.44 -13.56
N PHE C 29 -33.32 13.26 -14.83
CA PHE C 29 -32.61 14.31 -15.56
C PHE C 29 -33.47 15.56 -15.71
N THR C 30 -34.78 15.42 -15.57
CA THR C 30 -35.69 16.54 -15.81
C THR C 30 -35.53 17.63 -14.75
N ASP C 31 -35.16 17.26 -13.53
CA ASP C 31 -35.17 18.18 -12.40
C ASP C 31 -33.77 18.44 -11.86
N TYR C 32 -32.78 18.58 -12.74
CA TYR C 32 -31.42 18.89 -12.28
C TYR C 32 -30.73 19.84 -13.25
N TYR C 33 -30.24 20.96 -12.72
CA TYR C 33 -29.40 21.85 -13.52
C TYR C 33 -28.14 21.12 -13.96
N MET C 34 -27.63 21.49 -15.12
CA MET C 34 -26.38 20.93 -15.63
C MET C 34 -25.34 22.04 -15.65
N ASN C 35 -24.33 21.92 -14.81
CA ASN C 35 -23.21 22.85 -14.76
C ASN C 35 -22.04 22.28 -15.55
N TRP C 36 -21.19 23.20 -16.01
CA TRP C 36 -19.94 22.84 -16.65
C TRP C 36 -18.81 23.61 -16.00
N VAL C 37 -17.68 22.93 -15.85
CA VAL C 37 -16.52 23.40 -15.12
C VAL C 37 -15.27 23.09 -15.92
N LYS C 38 -14.33 24.04 -15.95
CA LYS C 38 -13.05 23.87 -16.63
C LYS C 38 -11.93 23.81 -15.60
N GLN C 39 -11.11 22.76 -15.65
CA GLN C 39 -9.94 22.64 -14.81
C GLN C 39 -8.69 22.54 -15.67
N SER C 40 -7.71 23.41 -15.40
CA SER C 40 -6.52 23.53 -16.23
C SER C 40 -5.30 23.65 -15.32
N PRO C 41 -4.11 23.39 -15.86
CA PRO C 41 -2.89 23.67 -15.06
C PRO C 41 -2.79 25.11 -14.61
N GLU C 42 -3.23 26.05 -15.44
CA GLU C 42 -3.24 27.47 -15.12
C GLU C 42 -4.67 27.91 -14.78
N LYS C 43 -4.83 28.62 -13.67
CA LYS C 43 -6.14 29.05 -13.17
C LYS C 43 -7.10 27.86 -13.09
N SER C 44 -6.76 26.92 -12.21
CA SER C 44 -7.46 25.65 -12.13
C SER C 44 -8.88 25.82 -11.58
N LEU C 45 -9.78 24.95 -12.05
CA LEU C 45 -11.20 24.92 -11.65
C LEU C 45 -11.90 26.26 -11.88
N GLU C 46 -12.12 26.56 -13.15
CA GLU C 46 -12.94 27.70 -13.55
C GLU C 46 -14.36 27.23 -13.81
N TRP C 47 -15.32 28.14 -13.66
CA TRP C 47 -16.73 27.82 -13.79
C TRP C 47 -17.19 28.16 -15.20
N ILE C 48 -17.54 27.14 -15.99
CA ILE C 48 -18.08 27.39 -17.32
C ILE C 48 -19.49 27.95 -17.23
N GLY C 49 -20.37 27.30 -16.47
CA GLY C 49 -21.72 27.84 -16.36
C GLY C 49 -22.73 26.81 -15.92
N GLU C 50 -24.01 27.15 -16.14
CA GLU C 50 -25.15 26.40 -15.64
C GLU C 50 -26.29 26.48 -16.65
N ILE C 51 -27.00 25.37 -16.84
CA ILE C 51 -28.19 25.32 -17.70
C ILE C 51 -29.30 24.55 -17.02
N ASN C 52 -30.55 24.92 -17.35
CA ASN C 52 -31.73 24.20 -16.90
C ASN C 52 -32.20 23.32 -18.05
N PRO C 53 -32.29 21.99 -17.87
CA PRO C 53 -32.73 21.12 -18.97
C PRO C 53 -34.22 21.17 -19.26
N ASN C 54 -35.02 21.55 -18.25
CA ASN C 54 -36.47 21.60 -18.45
C ASN C 54 -36.86 22.57 -19.56
N THR C 55 -36.09 23.63 -19.75
CA THR C 55 -36.34 24.61 -20.80
C THR C 55 -35.16 24.84 -21.74
N GLY C 56 -33.94 24.59 -21.29
CA GLY C 56 -32.77 24.91 -22.07
C GLY C 56 -32.29 26.34 -21.94
N GLY C 57 -32.82 27.10 -20.99
CA GLY C 57 -32.27 28.43 -20.74
C GLY C 57 -30.89 28.34 -20.11
N THR C 58 -30.03 29.27 -20.50
CA THR C 58 -28.64 29.29 -20.07
C THR C 58 -28.36 30.53 -19.23
N THR C 59 -27.55 30.36 -18.19
CA THR C 59 -27.12 31.45 -17.32
C THR C 59 -25.61 31.43 -17.17
N TYR C 60 -24.91 31.36 -18.30
CA TYR C 60 -23.45 31.30 -18.30
C TYR C 60 -22.85 32.61 -17.79
N ASN C 61 -21.77 32.49 -17.02
CA ASN C 61 -21.10 33.64 -16.44
C ASN C 61 -20.41 34.48 -17.52
N GLN C 62 -20.31 35.79 -17.25
CA GLN C 62 -19.75 36.72 -18.22
C GLN C 62 -18.32 36.37 -18.61
N LYS C 63 -17.60 35.61 -17.78
CA LYS C 63 -16.29 35.14 -18.17
C LYS C 63 -16.40 34.32 -19.45
N PHE C 64 -15.41 34.49 -20.33
CA PHE C 64 -15.47 34.03 -21.73
C PHE C 64 -16.87 34.24 -22.31
N LYS C 65 -17.78 33.27 -22.11
CA LYS C 65 -19.21 33.31 -22.46
C LYS C 65 -19.41 33.43 -23.97
N ALA C 66 -18.34 33.74 -24.70
CA ALA C 66 -18.38 33.84 -26.16
C ALA C 66 -17.87 32.58 -26.83
N LYS C 67 -17.28 31.66 -26.07
CA LYS C 67 -16.67 30.46 -26.63
C LYS C 67 -17.48 29.20 -26.36
N ALA C 68 -18.47 29.26 -25.48
CA ALA C 68 -19.21 28.08 -25.08
C ALA C 68 -20.70 28.27 -25.27
N THR C 69 -21.38 27.20 -25.68
CA THR C 69 -22.83 27.13 -25.74
C THR C 69 -23.26 25.80 -25.14
N LEU C 70 -24.23 25.84 -24.23
CA LEU C 70 -24.52 24.72 -23.33
C LEU C 70 -25.86 24.04 -23.59
N THR C 71 -26.26 23.90 -24.85
CA THR C 71 -27.54 23.26 -25.18
C THR C 71 -27.69 21.87 -24.54
N VAL C 72 -28.92 21.40 -24.39
CA VAL C 72 -29.22 20.09 -23.82
C VAL C 72 -30.31 19.42 -24.65
N ASP C 73 -30.47 18.12 -24.45
CA ASP C 73 -31.54 17.35 -25.10
C ASP C 73 -32.11 16.39 -24.07
N LYS C 74 -33.33 16.66 -23.62
CA LYS C 74 -34.00 15.80 -22.64
C LYS C 74 -34.27 14.41 -23.20
N SER C 75 -34.60 14.31 -24.49
CA SER C 75 -35.03 13.04 -25.06
C SER C 75 -33.92 11.99 -25.01
N SER C 76 -32.74 12.32 -25.53
CA SER C 76 -31.59 11.44 -25.37
C SER C 76 -31.02 11.47 -23.97
N SER C 77 -31.55 12.36 -23.11
CA SER C 77 -31.10 12.49 -21.72
C SER C 77 -29.61 12.86 -21.67
N THR C 78 -29.25 13.88 -22.44
CA THR C 78 -27.86 14.33 -22.54
C THR C 78 -27.80 15.84 -22.44
N ALA C 79 -26.61 16.32 -22.08
CA ALA C 79 -26.29 17.74 -22.10
C ALA C 79 -25.02 17.93 -22.91
N TYR C 80 -25.01 18.96 -23.77
CA TYR C 80 -23.90 19.21 -24.65
C TYR C 80 -23.26 20.54 -24.28
N MET C 81 -21.96 20.65 -24.54
CA MET C 81 -21.26 21.92 -24.48
C MET C 81 -20.38 22.05 -25.70
N GLN C 82 -20.54 23.14 -26.43
CA GLN C 82 -19.74 23.39 -27.63
C GLN C 82 -18.77 24.52 -27.35
N LEU C 83 -17.50 24.28 -27.67
CA LEU C 83 -16.43 25.27 -27.57
C LEU C 83 -16.12 25.82 -28.96
N LYS C 84 -16.25 27.14 -29.11
CA LYS C 84 -16.08 27.81 -30.39
C LYS C 84 -14.69 28.38 -30.59
N SER C 85 -14.25 29.28 -29.70
CA SER C 85 -12.99 29.98 -29.89
C SER C 85 -11.82 29.00 -29.98
N LEU C 86 -11.56 28.30 -28.87
CA LEU C 86 -10.58 27.21 -28.81
C LEU C 86 -9.19 27.70 -29.25
N THR C 87 -8.64 28.58 -28.42
CA THR C 87 -7.29 29.07 -28.60
C THR C 87 -6.29 28.01 -28.17
N SER C 88 -5.02 28.25 -28.47
CA SER C 88 -3.98 27.26 -28.14
C SER C 88 -3.84 27.09 -26.63
N GLU C 89 -3.90 28.18 -25.87
CA GLU C 89 -3.56 28.10 -24.46
C GLU C 89 -4.66 27.48 -23.60
N ASP C 90 -5.92 27.60 -24.00
CA ASP C 90 -6.99 27.05 -23.15
C ASP C 90 -7.22 25.58 -23.47
N SER C 91 -6.24 24.76 -23.09
CA SER C 91 -6.39 23.32 -23.08
C SER C 91 -6.57 22.88 -21.63
N ALA C 92 -7.58 22.06 -21.39
CA ALA C 92 -7.95 21.73 -20.02
C ALA C 92 -8.79 20.46 -20.03
N VAL C 93 -9.21 20.06 -18.83
CA VAL C 93 -10.19 19.00 -18.66
C VAL C 93 -11.52 19.67 -18.35
N TYR C 94 -12.61 19.09 -18.85
CA TYR C 94 -13.92 19.69 -18.73
C TYR C 94 -14.85 18.71 -18.03
N TYR C 95 -15.69 19.24 -17.14
CA TYR C 95 -16.55 18.44 -16.30
C TYR C 95 -17.99 18.93 -16.42
N CYS C 96 -18.92 17.98 -16.33
CA CYS C 96 -20.34 18.28 -16.22
C CYS C 96 -20.80 17.90 -14.82
N ALA C 97 -21.39 18.84 -14.12
CA ALA C 97 -21.84 18.63 -12.76
C ALA C 97 -23.36 18.47 -12.73
N ARG C 98 -23.91 18.34 -11.54
CA ARG C 98 -25.34 18.06 -11.36
C ARG C 98 -25.83 18.93 -10.21
N TYR C 99 -26.48 20.04 -10.56
CA TYR C 99 -27.02 20.96 -9.57
C TYR C 99 -28.50 20.67 -9.38
N TYR C 100 -28.95 20.71 -8.13
CA TYR C 100 -30.35 20.44 -7.81
C TYR C 100 -31.18 21.70 -7.64
N GLY C 101 -30.58 22.79 -7.20
CA GLY C 101 -31.29 24.04 -7.03
C GLY C 101 -30.68 24.85 -5.91
N ASN C 102 -31.37 25.94 -5.56
CA ASN C 102 -30.88 26.85 -4.53
C ASN C 102 -30.76 26.14 -3.19
N LEU C 103 -29.81 26.61 -2.37
CA LEU C 103 -29.49 26.00 -1.09
C LEU C 103 -29.05 24.55 -1.26
N TYR C 104 -28.29 24.31 -2.33
CA TYR C 104 -27.77 22.98 -2.64
C TYR C 104 -26.41 23.15 -3.29
N ALA C 105 -25.77 22.04 -3.63
CA ALA C 105 -24.47 22.07 -4.28
C ALA C 105 -24.45 21.08 -5.44
N MET C 106 -23.35 21.08 -6.18
CA MET C 106 -23.16 20.11 -7.25
C MET C 106 -22.66 18.81 -6.64
N ASP C 107 -23.47 17.77 -6.73
CA ASP C 107 -23.19 16.51 -6.04
C ASP C 107 -22.43 15.53 -6.94
N TYR C 108 -23.01 15.18 -8.08
CA TYR C 108 -22.44 14.15 -8.94
C TYR C 108 -21.79 14.77 -10.18
N TRP C 109 -20.66 14.20 -10.56
CA TRP C 109 -19.77 14.72 -11.58
C TRP C 109 -19.43 13.60 -12.55
N GLY C 110 -19.02 13.98 -13.76
CA GLY C 110 -18.60 13.02 -14.75
C GLY C 110 -17.09 12.92 -14.84
N GLN C 111 -16.64 11.80 -15.42
CA GLN C 111 -15.23 11.43 -15.35
C GLN C 111 -14.31 12.50 -15.94
N GLY C 112 -14.78 13.19 -16.96
CA GLY C 112 -13.97 14.30 -17.44
C GLY C 112 -13.32 14.02 -18.78
N THR C 113 -13.26 15.06 -19.61
CA THR C 113 -12.78 14.99 -20.98
C THR C 113 -11.51 15.81 -21.10
N SER C 114 -10.52 15.29 -21.81
CA SER C 114 -9.28 16.03 -22.03
C SER C 114 -9.31 16.66 -23.41
N VAL C 115 -9.08 17.97 -23.46
CA VAL C 115 -9.11 18.76 -24.68
C VAL C 115 -7.75 19.42 -24.86
N THR C 116 -7.14 19.21 -26.03
CA THR C 116 -5.86 19.83 -26.37
C THR C 116 -6.04 20.57 -27.68
N VAL C 117 -5.77 21.87 -27.67
CA VAL C 117 -5.96 22.73 -28.83
C VAL C 117 -4.65 23.10 -29.49
N SER C 118 -3.52 22.56 -29.01
CA SER C 118 -2.24 22.91 -29.59
C SER C 118 -2.12 22.39 -31.02
N SER C 119 -1.30 23.07 -31.81
CA SER C 119 -1.08 22.68 -33.20
C SER C 119 -0.31 21.36 -33.29
N THR C 124 1.03 12.87 -36.87
CA THR C 124 1.33 11.55 -36.34
C THR C 124 2.84 11.27 -36.43
N THR C 125 3.44 10.96 -35.28
CA THR C 125 4.88 10.76 -35.21
C THR C 125 5.17 9.47 -34.44
N PRO C 126 5.99 8.58 -34.99
CA PRO C 126 6.35 7.35 -34.26
C PRO C 126 7.39 7.65 -33.19
N PRO C 127 7.42 6.85 -32.12
CA PRO C 127 8.37 7.12 -31.03
C PRO C 127 9.81 6.88 -31.44
N SER C 128 10.71 7.64 -30.82
CA SER C 128 12.14 7.38 -30.89
C SER C 128 12.58 6.85 -29.53
N VAL C 129 12.88 5.55 -29.45
CA VAL C 129 13.15 4.89 -28.18
C VAL C 129 14.64 4.63 -28.07
N TYR C 130 15.23 5.02 -26.94
CA TYR C 130 16.66 4.84 -26.71
C TYR C 130 16.90 4.25 -25.33
N PRO C 131 17.76 3.23 -25.22
CA PRO C 131 18.12 2.72 -23.90
C PRO C 131 19.00 3.71 -23.15
N LEU C 132 18.97 3.62 -21.82
CA LEU C 132 19.75 4.52 -20.95
C LEU C 132 20.51 3.63 -19.98
N ALA C 133 21.77 3.43 -20.26
CA ALA C 133 22.71 2.67 -19.46
C ALA C 133 23.65 3.61 -18.70
N PRO C 134 24.16 3.18 -17.55
CA PRO C 134 25.07 4.04 -16.79
C PRO C 134 26.42 4.17 -17.48
N GLY C 135 27.24 5.06 -16.93
CA GLY C 135 28.58 5.29 -17.47
C GLY C 135 29.57 4.21 -17.10
N SER C 142 25.06 -1.16 -5.57
CA SER C 142 24.32 -2.37 -5.23
C SER C 142 22.99 -2.42 -5.97
N MET C 143 22.41 -1.25 -6.21
CA MET C 143 21.12 -1.10 -6.90
C MET C 143 21.30 -0.07 -8.02
N VAL C 144 21.64 -0.55 -9.21
CA VAL C 144 21.87 0.32 -10.35
C VAL C 144 20.53 0.72 -10.95
N THR C 145 20.43 1.98 -11.38
CA THR C 145 19.25 2.49 -12.06
C THR C 145 19.49 2.51 -13.56
N LEU C 146 18.54 1.94 -14.31
CA LEU C 146 18.52 1.93 -15.76
C LEU C 146 17.39 2.84 -16.24
N GLY C 147 17.42 3.19 -17.52
CA GLY C 147 16.42 4.10 -18.07
C GLY C 147 16.00 3.73 -19.47
N CYS C 148 14.87 4.31 -19.86
CA CYS C 148 14.33 4.19 -21.22
C CYS C 148 13.78 5.55 -21.60
N LEU C 149 14.35 6.17 -22.65
CA LEU C 149 14.02 7.53 -23.06
C LEU C 149 13.20 7.46 -24.35
N VAL C 150 12.01 8.06 -24.34
CA VAL C 150 11.11 8.07 -25.48
C VAL C 150 11.02 9.52 -25.96
N LYS C 151 11.68 9.81 -27.08
CA LYS C 151 11.81 11.16 -27.59
C LYS C 151 11.02 11.29 -28.88
N GLY C 152 10.39 12.45 -29.07
CA GLY C 152 9.85 12.81 -30.37
C GLY C 152 8.73 11.92 -30.88
N TYR C 153 7.60 11.89 -30.18
CA TYR C 153 6.42 11.18 -30.65
C TYR C 153 5.21 12.07 -30.54
N PHE C 154 4.19 11.73 -31.34
CA PHE C 154 2.94 12.49 -31.38
C PHE C 154 1.87 11.64 -32.04
N PRO C 155 0.65 11.56 -31.47
CA PRO C 155 0.27 12.11 -30.17
C PRO C 155 0.31 11.08 -29.04
N GLU C 156 -0.13 11.51 -27.85
CA GLU C 156 -0.28 10.62 -26.70
C GLU C 156 -1.37 9.59 -26.97
N PRO C 157 -1.31 8.42 -26.30
CA PRO C 157 -0.34 8.00 -25.29
C PRO C 157 0.64 6.93 -25.74
N VAL C 158 1.63 6.66 -24.88
CA VAL C 158 2.54 5.54 -25.05
C VAL C 158 2.51 4.72 -23.77
N THR C 159 2.61 3.40 -23.91
CA THR C 159 2.68 2.48 -22.77
C THR C 159 4.09 1.93 -22.67
N VAL C 160 4.70 2.06 -21.49
CA VAL C 160 6.04 1.58 -21.23
C VAL C 160 5.98 0.51 -20.15
N THR C 161 6.49 -0.69 -20.47
CA THR C 161 6.58 -1.78 -19.53
C THR C 161 8.01 -2.31 -19.53
N TRP C 162 8.34 -3.12 -18.52
CA TRP C 162 9.62 -3.79 -18.44
C TRP C 162 9.40 -5.30 -18.43
N ASN C 163 10.07 -5.98 -19.35
CA ASN C 163 9.95 -7.43 -19.55
C ASN C 163 8.51 -7.69 -19.99
N SER C 164 7.84 -8.70 -19.44
CA SER C 164 6.42 -8.97 -19.71
C SER C 164 5.54 -8.41 -18.60
N GLY C 165 5.89 -7.25 -18.06
CA GLY C 165 5.23 -6.71 -16.90
C GLY C 165 5.77 -7.23 -15.59
N SER C 166 6.83 -8.03 -15.63
CA SER C 166 7.42 -8.58 -14.42
C SER C 166 7.94 -7.48 -13.51
N LEU C 167 8.90 -6.69 -13.98
CA LEU C 167 9.45 -5.62 -13.16
C LEU C 167 8.43 -4.48 -13.04
N SER C 168 7.82 -4.35 -11.87
CA SER C 168 6.87 -3.30 -11.55
C SER C 168 7.25 -2.48 -10.34
N SER C 169 7.86 -3.10 -9.32
CA SER C 169 8.35 -2.38 -8.16
C SER C 169 9.60 -1.57 -8.54
N GLY C 170 9.74 -0.42 -7.88
CA GLY C 170 10.90 0.43 -8.12
C GLY C 170 10.96 1.09 -9.48
N VAL C 171 9.81 1.28 -10.13
CA VAL C 171 9.74 1.90 -11.45
C VAL C 171 9.16 3.30 -11.31
N HIS C 172 9.80 4.27 -11.97
CA HIS C 172 9.37 5.67 -11.97
C HIS C 172 9.24 6.10 -13.43
N THR C 173 8.01 6.12 -13.95
CA THR C 173 7.73 6.60 -15.30
C THR C 173 7.22 8.04 -15.22
N PHE C 174 8.04 8.99 -15.75
CA PHE C 174 7.68 10.39 -15.58
C PHE C 174 6.76 10.89 -16.69
N PRO C 175 5.95 11.91 -16.42
CA PRO C 175 5.02 12.42 -17.44
C PRO C 175 5.74 13.11 -18.59
N ALA C 176 5.05 13.16 -19.73
CA ALA C 176 5.57 13.80 -20.92
C ALA C 176 5.72 15.30 -20.75
N SER C 180 8.30 21.63 -28.54
CA SER C 180 8.40 21.88 -29.96
C SER C 180 7.34 21.07 -30.73
N ASP C 181 6.11 21.08 -30.23
CA ASP C 181 5.01 20.29 -30.77
C ASP C 181 5.32 18.80 -30.76
N LEU C 182 6.33 18.38 -30.00
CA LEU C 182 6.66 16.97 -29.82
C LEU C 182 6.73 16.68 -28.33
N TYR C 183 6.72 15.39 -27.99
CA TYR C 183 6.68 14.96 -26.60
C TYR C 183 7.97 14.24 -26.19
N THR C 184 8.32 14.40 -24.92
CA THR C 184 9.50 13.76 -24.34
C THR C 184 9.07 12.99 -23.10
N LEU C 185 9.50 11.74 -23.00
CA LEU C 185 9.16 10.86 -21.90
C LEU C 185 10.41 10.13 -21.44
N SER C 186 10.42 9.73 -20.16
CA SER C 186 11.52 8.94 -19.64
C SER C 186 11.01 8.04 -18.52
N SER C 187 11.63 6.87 -18.39
CA SER C 187 11.31 5.94 -17.32
C SER C 187 12.60 5.44 -16.70
N SER C 188 12.63 5.38 -15.37
CA SER C 188 13.75 4.85 -14.61
C SER C 188 13.31 3.59 -13.86
N VAL C 189 14.20 2.60 -13.80
CA VAL C 189 13.96 1.40 -13.01
C VAL C 189 15.24 1.08 -12.23
N THR C 190 15.11 0.93 -10.92
CA THR C 190 16.25 0.68 -10.05
C THR C 190 16.26 -0.80 -9.66
N VAL C 191 17.23 -1.55 -10.16
CA VAL C 191 17.30 -2.99 -9.95
C VAL C 191 18.66 -3.34 -9.35
N PRO C 192 18.74 -4.40 -8.55
CA PRO C 192 20.00 -4.70 -7.85
C PRO C 192 21.12 -5.07 -8.82
N SER C 193 22.35 -4.81 -8.37
CA SER C 193 23.53 -5.10 -9.16
C SER C 193 23.66 -6.58 -9.53
N SER C 194 22.89 -7.46 -8.90
CA SER C 194 22.91 -8.87 -9.28
C SER C 194 21.89 -9.19 -10.37
N THR C 195 20.77 -8.49 -10.42
CA THR C 195 19.81 -8.73 -11.49
C THR C 195 20.32 -8.20 -12.83
N TRP C 196 20.95 -7.03 -12.83
CA TRP C 196 21.54 -6.42 -14.01
C TRP C 196 23.04 -6.19 -13.80
N PRO C 197 23.88 -6.42 -14.82
CA PRO C 197 23.55 -6.87 -16.18
C PRO C 197 23.51 -8.38 -16.35
N SER C 198 23.39 -9.11 -15.24
CA SER C 198 23.39 -10.58 -15.32
C SER C 198 22.24 -11.09 -16.16
N GLU C 199 21.04 -10.54 -15.95
CA GLU C 199 19.86 -10.95 -16.69
C GLU C 199 19.32 -9.77 -17.50
N THR C 200 18.79 -10.08 -18.68
CA THR C 200 18.37 -9.03 -19.60
C THR C 200 17.17 -8.27 -19.07
N VAL C 201 17.19 -6.95 -19.27
CA VAL C 201 16.03 -6.10 -19.03
C VAL C 201 15.66 -5.47 -20.37
N THR C 202 14.39 -5.62 -20.75
CA THR C 202 13.90 -5.19 -22.05
C THR C 202 12.75 -4.21 -21.85
N CYS C 203 12.99 -2.96 -22.22
CA CYS C 203 11.97 -1.92 -22.18
C CYS C 203 11.04 -2.08 -23.38
N ASN C 204 9.75 -2.22 -23.12
CA ASN C 204 8.74 -2.48 -24.14
C ASN C 204 7.86 -1.24 -24.26
N VAL C 205 7.78 -0.68 -25.47
CA VAL C 205 7.05 0.57 -25.68
C VAL C 205 6.01 0.34 -26.78
N ALA C 206 4.78 0.72 -26.49
CA ALA C 206 3.67 0.58 -27.43
C ALA C 206 3.04 1.94 -27.69
N HIS C 207 2.84 2.25 -28.96
CA HIS C 207 2.30 3.53 -29.41
C HIS C 207 1.12 3.26 -30.34
N PRO C 208 -0.12 3.28 -29.83
CA PRO C 208 -1.33 3.04 -30.64
C PRO C 208 -1.48 4.04 -31.78
N SER C 211 0.42 2.73 -34.59
CA SER C 211 0.54 1.27 -34.70
C SER C 211 2.00 0.85 -34.55
N THR C 212 2.62 1.28 -33.46
CA THR C 212 4.04 1.03 -33.21
C THR C 212 4.20 0.13 -32.01
N LYS C 213 5.04 -0.89 -32.14
CA LYS C 213 5.41 -1.76 -31.02
C LYS C 213 6.91 -2.00 -31.09
N VAL C 214 7.65 -1.50 -30.10
CA VAL C 214 9.11 -1.58 -30.11
C VAL C 214 9.59 -2.22 -28.82
N ASP C 215 10.68 -2.97 -28.94
CA ASP C 215 11.31 -3.62 -27.80
C ASP C 215 12.79 -3.28 -27.84
N LYS C 216 13.28 -2.68 -26.76
CA LYS C 216 14.70 -2.30 -26.66
C LYS C 216 15.29 -3.04 -25.46
N LYS C 217 16.22 -3.94 -25.72
CA LYS C 217 16.95 -4.56 -24.63
C LYS C 217 18.03 -3.60 -24.17
N ILE C 218 18.20 -3.49 -22.85
CA ILE C 218 19.13 -2.51 -22.30
C ILE C 218 20.53 -3.11 -22.32
N VAL C 219 21.44 -2.43 -22.99
CA VAL C 219 22.83 -2.86 -23.07
C VAL C 219 23.68 -1.76 -22.45
N PRO C 220 24.67 -2.10 -21.63
CA PRO C 220 25.55 -1.06 -21.07
C PRO C 220 26.29 -0.34 -22.18
N ARG C 221 26.63 0.93 -21.93
CA ARG C 221 27.49 1.64 -22.86
C ARG C 221 28.76 0.85 -23.11
N ASP C 222 29.27 0.18 -22.07
CA ASP C 222 30.23 -0.90 -22.23
C ASP C 222 29.94 -1.99 -21.21
N ASP D 1 -18.46 39.83 -8.91
CA ASP D 1 -18.27 38.46 -8.43
C ASP D 1 -17.96 38.43 -6.94
N ILE D 2 -18.18 37.28 -6.33
CA ILE D 2 -17.80 37.03 -4.94
C ILE D 2 -16.40 36.43 -4.93
N LEU D 3 -15.64 36.73 -3.88
CA LEU D 3 -14.27 36.27 -3.74
C LEU D 3 -14.18 35.26 -2.62
N MET D 4 -13.79 34.03 -2.95
CA MET D 4 -13.53 32.98 -1.98
C MET D 4 -12.02 32.84 -1.82
N THR D 5 -11.54 32.98 -0.59
CA THR D 5 -10.13 32.80 -0.28
C THR D 5 -10.06 31.69 0.78
N GLN D 6 -9.86 30.46 0.33
CA GLN D 6 -9.76 29.32 1.21
C GLN D 6 -8.29 29.02 1.52
N SER D 7 -8.02 28.66 2.77
CA SER D 7 -6.67 28.40 3.23
C SER D 7 -6.64 27.09 3.99
N PRO D 8 -5.48 26.40 3.99
CA PRO D 8 -4.22 26.72 3.31
C PRO D 8 -4.15 26.19 1.88
N SER D 9 -3.12 26.60 1.14
CA SER D 9 -2.95 26.09 -0.22
C SER D 9 -2.71 24.58 -0.22
N SER D 10 -1.88 24.10 0.69
CA SER D 10 -1.65 22.67 0.87
C SER D 10 -1.11 22.44 2.26
N MET D 11 -1.25 21.20 2.74
CA MET D 11 -0.69 20.83 4.03
C MET D 11 -0.36 19.34 4.03
N SER D 12 0.67 18.99 4.79
CA SER D 12 1.11 17.59 4.92
C SER D 12 0.65 17.09 6.29
N VAL D 13 -0.26 16.11 6.28
CA VAL D 13 -0.89 15.60 7.49
C VAL D 13 -0.63 14.10 7.61
N SER D 14 -0.56 13.63 8.85
CA SER D 14 -0.40 12.21 9.12
C SER D 14 -1.75 11.50 9.13
N LEU D 15 -1.70 10.18 9.09
CA LEU D 15 -2.91 9.37 9.17
C LEU D 15 -3.53 9.45 10.56
N GLY D 16 -4.83 9.14 10.63
CA GLY D 16 -5.54 9.15 11.89
C GLY D 16 -5.71 10.51 12.52
N ASP D 17 -5.44 11.58 11.78
CA ASP D 17 -5.49 12.94 12.32
C ASP D 17 -6.89 13.52 12.20
N THR D 18 -7.03 14.76 12.67
CA THR D 18 -8.23 15.56 12.44
C THR D 18 -7.78 16.89 11.86
N VAL D 19 -8.31 17.23 10.69
CA VAL D 19 -7.91 18.41 9.95
C VAL D 19 -9.14 19.26 9.67
N SER D 20 -8.91 20.55 9.47
CA SER D 20 -9.97 21.48 9.08
C SER D 20 -9.44 22.45 8.04
N ILE D 21 -10.11 22.51 6.90
CA ILE D 21 -9.81 23.49 5.86
C ILE D 21 -10.78 24.66 5.99
N THR D 22 -10.24 25.87 6.02
CA THR D 22 -11.03 27.08 6.11
C THR D 22 -11.39 27.62 4.73
N CYS D 23 -12.48 28.36 4.67
CA CYS D 23 -12.91 29.06 3.47
C CYS D 23 -13.53 30.39 3.90
N HIS D 24 -13.13 31.46 3.23
CA HIS D 24 -13.53 32.81 3.63
C HIS D 24 -14.00 33.58 2.42
N ALA D 25 -15.25 34.00 2.43
CA ALA D 25 -15.81 34.79 1.35
C ALA D 25 -15.66 36.29 1.65
N SER D 26 -15.70 37.09 0.58
CA SER D 26 -15.58 38.54 0.72
C SER D 26 -16.83 39.17 1.32
N GLN D 27 -17.91 38.42 1.47
CA GLN D 27 -19.14 38.91 2.07
C GLN D 27 -19.91 37.72 2.60
N GLY D 28 -20.85 37.99 3.50
CA GLY D 28 -21.68 36.92 4.04
C GLY D 28 -22.45 36.22 2.93
N ILE D 29 -22.55 34.89 3.05
CA ILE D 29 -23.18 34.09 2.01
C ILE D 29 -24.23 33.19 2.64
N SER D 30 -24.54 33.45 3.91
CA SER D 30 -25.64 32.80 4.65
C SER D 30 -25.67 31.29 4.41
N SER D 31 -24.53 30.65 4.65
CA SER D 31 -24.40 29.19 4.69
C SER D 31 -24.78 28.51 3.38
N ASN D 32 -24.74 29.22 2.25
CA ASN D 32 -24.93 28.60 0.95
C ASN D 32 -23.59 28.26 0.31
N ILE D 33 -22.88 27.36 0.98
CA ILE D 33 -21.53 26.96 0.58
C ILE D 33 -21.47 25.44 0.55
N GLY D 34 -20.88 24.89 -0.51
CA GLY D 34 -20.71 23.46 -0.64
C GLY D 34 -19.25 23.07 -0.67
N TRP D 35 -18.97 21.81 -0.35
CA TRP D 35 -17.61 21.29 -0.27
C TRP D 35 -17.51 20.07 -1.17
N LEU D 36 -16.43 20.04 -1.97
CA LEU D 36 -16.22 19.08 -3.04
C LEU D 36 -14.87 18.41 -2.84
N GLN D 37 -14.77 17.16 -3.30
CA GLN D 37 -13.54 16.39 -3.17
C GLN D 37 -13.17 15.74 -4.49
N GLN D 38 -11.88 15.78 -4.83
CA GLN D 38 -11.35 15.12 -6.02
C GLN D 38 -10.17 14.25 -5.60
N LYS D 39 -10.29 12.94 -5.84
CA LYS D 39 -9.19 12.02 -5.62
C LYS D 39 -8.14 12.16 -6.72
N PRO D 40 -6.92 11.67 -6.50
CA PRO D 40 -5.86 11.84 -7.50
C PRO D 40 -6.17 11.07 -8.77
N GLY D 41 -6.13 11.78 -9.90
CA GLY D 41 -6.37 11.21 -11.21
C GLY D 41 -7.81 10.87 -11.51
N LYS D 42 -8.71 11.01 -10.54
CA LYS D 42 -10.10 10.61 -10.67
C LYS D 42 -11.00 11.83 -10.57
N SER D 43 -12.32 11.61 -10.66
CA SER D 43 -13.26 12.71 -10.82
C SER D 43 -13.59 13.34 -9.46
N PHE D 44 -14.47 14.32 -9.49
CA PHE D 44 -14.89 15.05 -8.29
C PHE D 44 -16.05 14.35 -7.59
N LYS D 45 -16.27 14.75 -6.35
CA LYS D 45 -17.33 14.20 -5.51
C LYS D 45 -17.86 15.29 -4.60
N GLY D 46 -19.18 15.49 -4.60
CA GLY D 46 -19.79 16.44 -3.68
C GLY D 46 -19.89 15.82 -2.31
N LEU D 47 -19.39 16.54 -1.30
CA LEU D 47 -19.42 16.08 0.08
C LEU D 47 -20.42 16.85 0.93
N ILE D 48 -20.40 18.18 0.85
CA ILE D 48 -21.20 19.01 1.74
C ILE D 48 -22.00 20.01 0.92
N TYR D 49 -23.27 20.21 1.27
CA TYR D 49 -24.09 21.21 0.64
C TYR D 49 -24.77 22.04 1.73
N HIS D 50 -24.96 23.33 1.42
CA HIS D 50 -25.60 24.28 2.33
C HIS D 50 -24.93 24.25 3.71
N GLY D 51 -23.61 24.45 3.71
CA GLY D 51 -22.86 24.62 4.94
C GLY D 51 -22.58 23.36 5.74
N THR D 52 -23.63 22.76 6.31
CA THR D 52 -23.47 21.67 7.27
C THR D 52 -24.16 20.38 6.87
N ASN D 53 -24.82 20.33 5.71
CA ASN D 53 -25.57 19.16 5.28
C ASN D 53 -24.70 18.22 4.45
N LEU D 54 -24.93 16.93 4.59
CA LEU D 54 -24.09 15.90 3.99
C LEU D 54 -24.75 15.23 2.80
N GLU D 55 -23.92 14.80 1.86
CA GLU D 55 -24.33 14.18 0.60
C GLU D 55 -24.48 12.67 0.78
N ASP D 56 -24.87 11.99 -0.30
CA ASP D 56 -25.00 10.54 -0.25
C ASP D 56 -23.65 9.91 0.03
N GLY D 57 -23.66 8.83 0.81
CA GLY D 57 -22.42 8.28 1.33
C GLY D 57 -21.89 9.24 2.37
N VAL D 58 -20.72 9.83 2.13
CA VAL D 58 -20.17 10.87 2.98
C VAL D 58 -20.11 10.44 4.45
N PRO D 59 -19.07 9.72 4.85
CA PRO D 59 -19.03 9.14 6.20
C PRO D 59 -19.13 10.20 7.28
N SER D 60 -19.36 9.74 8.51
CA SER D 60 -19.50 10.64 9.64
C SER D 60 -18.22 11.41 9.96
N ARG D 61 -17.08 11.00 9.38
CA ARG D 61 -15.84 11.71 9.64
C ARG D 61 -15.90 13.16 9.16
N PHE D 62 -16.65 13.43 8.10
CA PHE D 62 -16.74 14.77 7.54
C PHE D 62 -17.81 15.58 8.24
N SER D 63 -17.57 16.87 8.38
CA SER D 63 -18.55 17.78 8.93
C SER D 63 -18.27 19.19 8.45
N GLY D 64 -19.27 20.05 8.57
CA GLY D 64 -19.13 21.44 8.19
C GLY D 64 -19.52 22.37 9.33
N SER D 65 -18.94 23.56 9.30
CA SER D 65 -19.18 24.54 10.36
C SER D 65 -18.94 25.93 9.80
N GLY D 66 -19.43 26.93 10.52
CA GLY D 66 -19.18 28.32 10.19
C GLY D 66 -20.47 29.07 9.91
N SER D 67 -20.29 30.36 9.62
CA SER D 67 -21.39 31.27 9.32
C SER D 67 -20.81 32.57 8.78
N GLY D 68 -21.69 33.50 8.43
CA GLY D 68 -21.26 34.77 7.87
C GLY D 68 -20.42 34.58 6.63
N ALA D 69 -19.12 34.86 6.75
CA ALA D 69 -18.19 34.68 5.66
C ALA D 69 -17.07 33.70 5.97
N ASP D 70 -17.09 33.06 7.14
CA ASP D 70 -16.05 32.12 7.54
C ASP D 70 -16.65 30.74 7.73
N TYR D 71 -16.09 29.74 7.06
CA TYR D 71 -16.61 28.38 7.09
C TYR D 71 -15.45 27.40 7.13
N SER D 72 -15.76 26.16 7.52
CA SER D 72 -14.73 25.17 7.80
C SER D 72 -15.26 23.78 7.47
N LEU D 73 -14.45 23.02 6.74
CA LEU D 73 -14.68 21.60 6.49
C LEU D 73 -13.75 20.80 7.40
N THR D 74 -14.29 19.79 8.07
CA THR D 74 -13.57 19.10 9.13
C THR D 74 -13.61 17.60 8.93
N ILE D 75 -12.46 16.96 9.12
CA ILE D 75 -12.31 15.51 9.09
C ILE D 75 -11.69 15.09 10.41
N SER D 76 -12.21 14.01 11.00
CA SER D 76 -11.69 13.50 12.25
C SER D 76 -11.34 12.03 12.09
N SER D 77 -10.25 11.61 12.72
CA SER D 77 -9.70 10.27 12.53
C SER D 77 -9.52 9.98 11.04
N LEU D 78 -8.63 10.74 10.42
CA LEU D 78 -8.44 10.72 8.98
C LEU D 78 -8.16 9.31 8.47
N GLU D 79 -8.85 8.93 7.40
CA GLU D 79 -8.73 7.61 6.82
C GLU D 79 -7.85 7.64 5.58
N SER D 80 -7.50 6.46 5.07
CA SER D 80 -6.54 6.34 3.98
C SER D 80 -7.01 7.09 2.74
N GLU D 81 -8.30 7.02 2.44
CA GLU D 81 -8.86 7.59 1.21
C GLU D 81 -9.19 9.07 1.34
N ASP D 82 -8.55 9.79 2.25
CA ASP D 82 -8.82 11.20 2.45
C ASP D 82 -7.69 12.10 1.95
N PHE D 83 -6.59 11.54 1.45
CA PHE D 83 -5.52 12.36 0.90
C PHE D 83 -5.89 12.71 -0.53
N ALA D 84 -6.49 13.88 -0.70
CA ALA D 84 -7.04 14.30 -1.99
C ALA D 84 -7.20 15.81 -1.96
N ASP D 85 -7.88 16.36 -2.96
CA ASP D 85 -8.11 17.80 -3.03
C ASP D 85 -9.54 18.14 -2.65
N TYR D 86 -9.71 19.32 -2.05
CA TYR D 86 -11.00 19.76 -1.55
C TYR D 86 -11.22 21.22 -1.94
N TYR D 87 -12.47 21.55 -2.28
CA TYR D 87 -12.81 22.89 -2.74
C TYR D 87 -14.10 23.36 -2.08
N CYS D 88 -14.19 24.67 -1.85
CA CYS D 88 -15.39 25.31 -1.33
C CYS D 88 -16.03 26.15 -2.43
N VAL D 89 -17.25 25.77 -2.80
CA VAL D 89 -18.01 26.42 -3.86
C VAL D 89 -19.11 27.25 -3.21
N GLN D 90 -19.47 28.36 -3.84
CA GLN D 90 -20.56 29.21 -3.38
C GLN D 90 -21.65 29.29 -4.43
N TYR D 91 -22.90 29.29 -3.99
CA TYR D 91 -24.05 29.37 -4.87
C TYR D 91 -25.00 30.50 -4.51
N VAL D 92 -24.58 31.43 -3.65
CA VAL D 92 -25.44 32.53 -3.21
C VAL D 92 -25.71 33.51 -4.33
N GLN D 93 -24.86 33.57 -5.35
CA GLN D 93 -24.96 34.63 -6.33
C GLN D 93 -24.19 34.25 -7.59
N PHE D 94 -24.71 34.68 -8.74
CA PHE D 94 -24.00 34.45 -9.99
C PHE D 94 -22.83 35.43 -10.11
N PRO D 95 -21.67 34.98 -10.59
CA PRO D 95 -21.30 33.61 -10.93
C PRO D 95 -20.83 32.80 -9.72
N TYR D 96 -20.91 31.48 -9.80
CA TYR D 96 -20.35 30.61 -8.76
C TYR D 96 -18.84 30.81 -8.72
N THR D 97 -18.31 31.19 -7.55
CA THR D 97 -16.89 31.51 -7.47
C THR D 97 -16.03 30.26 -7.32
N LEU D 98 -16.49 29.28 -6.55
CA LEU D 98 -15.87 27.96 -6.45
C LEU D 98 -14.56 27.93 -5.66
N GLY D 99 -14.00 29.08 -5.30
CA GLY D 99 -12.81 29.11 -4.46
C GLY D 99 -11.55 28.58 -5.12
N GLY D 100 -10.45 28.64 -4.35
CA GLY D 100 -9.14 28.30 -4.84
C GLY D 100 -8.70 26.85 -4.81
N GLY D 101 -8.84 26.18 -3.67
CA GLY D 101 -8.44 24.76 -3.63
C GLY D 101 -7.36 24.45 -2.60
N THR D 102 -7.61 23.39 -1.84
CA THR D 102 -6.69 22.87 -0.83
C THR D 102 -6.28 21.43 -1.16
N LYS D 103 -5.01 21.12 -0.94
CA LYS D 103 -4.47 19.79 -1.17
C LYS D 103 -4.06 19.15 0.16
N LEU D 104 -4.12 17.82 0.21
CA LEU D 104 -3.72 17.05 1.36
C LEU D 104 -2.56 16.12 0.99
N GLU D 105 -1.57 16.02 1.87
CA GLU D 105 -0.41 15.16 1.65
C GLU D 105 -0.02 14.45 2.94
N ILE D 106 0.64 13.31 2.79
CA ILE D 106 1.11 12.54 3.94
C ILE D 106 2.42 13.13 4.44
N LYS D 107 2.49 13.35 5.75
CA LYS D 107 3.70 13.88 6.39
C LYS D 107 4.72 12.75 6.59
N ARG D 108 5.86 12.84 5.91
CA ARG D 108 6.94 11.87 6.05
C ARG D 108 8.16 12.56 6.65
N ALA D 109 9.14 11.76 7.10
CA ALA D 109 10.39 12.26 7.68
C ALA D 109 11.49 12.33 6.62
N ASP D 110 11.48 13.42 5.85
CA ASP D 110 12.48 13.71 4.83
C ASP D 110 12.80 12.55 3.89
N GLY D 111 13.84 12.70 3.08
CA GLY D 111 14.24 11.68 2.14
C GLY D 111 15.55 12.03 1.46
N ALA D 112 16.05 11.07 0.67
CA ALA D 112 17.34 11.19 0.00
C ALA D 112 17.23 10.71 -1.43
N PRO D 113 17.35 11.59 -2.42
CA PRO D 113 17.21 11.16 -3.82
C PRO D 113 18.36 10.26 -4.26
N THR D 114 18.00 9.18 -4.97
CA THR D 114 18.98 8.24 -5.54
C THR D 114 19.38 8.69 -6.95
N VAL D 115 19.97 9.88 -7.02
CA VAL D 115 20.23 10.56 -8.30
C VAL D 115 21.24 9.76 -9.13
N SER D 116 20.86 9.43 -10.36
CA SER D 116 21.71 8.71 -11.30
C SER D 116 21.87 9.50 -12.59
N ILE D 117 23.11 9.57 -13.11
CA ILE D 117 23.38 10.28 -14.36
C ILE D 117 23.40 9.27 -15.51
N PHE D 118 23.06 9.75 -16.71
CA PHE D 118 22.73 8.88 -17.83
C PHE D 118 23.26 9.48 -19.13
N PRO D 119 24.46 9.08 -19.55
CA PRO D 119 25.03 9.62 -20.80
C PRO D 119 24.22 9.19 -22.01
N PRO D 120 24.31 9.93 -23.12
CA PRO D 120 23.44 9.66 -24.26
C PRO D 120 23.73 8.31 -24.91
N SER D 121 22.70 7.77 -25.55
CA SER D 121 22.78 6.49 -26.23
C SER D 121 23.39 6.66 -27.62
N SER D 122 23.67 5.53 -28.27
CA SER D 122 24.24 5.56 -29.61
C SER D 122 23.18 5.85 -30.67
N GLU D 123 22.01 5.20 -30.58
CA GLU D 123 20.96 5.41 -31.57
C GLU D 123 20.47 6.86 -31.59
N GLN D 124 20.36 7.46 -30.40
CA GLN D 124 20.01 8.88 -30.32
C GLN D 124 20.98 9.72 -31.15
N LEU D 125 22.26 9.35 -31.15
CA LEU D 125 23.26 10.07 -31.92
C LEU D 125 23.17 9.74 -33.41
N THR D 126 22.85 8.48 -33.74
CA THR D 126 22.70 8.11 -35.14
C THR D 126 21.55 8.88 -35.79
N SER D 127 20.45 9.06 -35.06
CA SER D 127 19.40 9.96 -35.53
C SER D 127 19.92 11.38 -35.63
N GLY D 128 20.78 11.78 -34.70
CA GLY D 128 21.40 13.09 -34.74
C GLY D 128 21.36 13.83 -33.42
N GLY D 129 20.33 13.57 -32.62
CA GLY D 129 20.16 14.26 -31.36
C GLY D 129 21.11 13.78 -30.29
N ALA D 130 21.19 14.57 -29.21
CA ALA D 130 22.02 14.23 -28.06
C ALA D 130 21.35 14.74 -26.80
N SER D 131 21.03 13.83 -25.89
CA SER D 131 20.32 14.18 -24.67
C SER D 131 20.86 13.36 -23.50
N VAL D 132 21.18 14.05 -22.41
CA VAL D 132 21.72 13.43 -21.21
C VAL D 132 20.66 13.45 -20.13
N VAL D 133 20.35 12.28 -19.56
CA VAL D 133 19.28 12.12 -18.59
C VAL D 133 19.86 12.11 -17.19
N CYS D 134 19.14 12.71 -16.24
CA CYS D 134 19.54 12.76 -14.84
C CYS D 134 18.32 12.41 -14.00
N PHE D 135 18.25 11.17 -13.53
CA PHE D 135 17.14 10.70 -12.72
C PHE D 135 17.41 11.00 -11.24
N LEU D 136 16.36 11.43 -10.53
CA LEU D 136 16.42 11.73 -9.10
C LEU D 136 15.23 11.05 -8.44
N ASN D 137 15.44 9.83 -7.94
CA ASN D 137 14.35 8.98 -7.49
C ASN D 137 14.21 9.01 -5.97
N ASN D 138 12.96 8.96 -5.50
CA ASN D 138 12.59 8.67 -4.11
C ASN D 138 13.18 9.70 -3.14
N PHE D 139 12.69 10.93 -3.26
CA PHE D 139 13.03 11.99 -2.32
C PHE D 139 11.76 12.69 -1.86
N TYR D 140 11.90 13.50 -0.80
CA TYR D 140 10.77 14.19 -0.18
C TYR D 140 11.30 15.45 0.49
N PRO D 141 10.62 16.60 0.37
CA PRO D 141 9.38 16.85 -0.38
C PRO D 141 9.60 17.35 -1.81
N LYS D 142 8.54 17.91 -2.41
CA LYS D 142 8.56 18.25 -3.83
C LYS D 142 9.61 19.31 -4.17
N ASP D 143 9.86 20.25 -3.27
CA ASP D 143 10.75 21.36 -3.59
C ASP D 143 12.20 20.87 -3.64
N ILE D 144 12.86 21.10 -4.79
CA ILE D 144 14.23 20.67 -5.03
C ILE D 144 14.74 21.42 -6.26
N ASN D 145 16.05 21.68 -6.33
CA ASN D 145 16.65 22.42 -7.44
C ASN D 145 17.70 21.54 -8.10
N VAL D 146 17.72 21.60 -9.43
CA VAL D 146 18.68 20.85 -10.25
C VAL D 146 19.31 21.79 -11.26
N LYS D 147 20.63 21.72 -11.40
CA LYS D 147 21.36 22.48 -12.38
C LYS D 147 22.21 21.55 -13.23
N TRP D 148 22.47 21.96 -14.46
CA TRP D 148 23.42 21.28 -15.33
C TRP D 148 24.72 22.06 -15.40
N LYS D 149 25.82 21.33 -15.60
CA LYS D 149 27.15 21.93 -15.70
C LYS D 149 27.87 21.23 -16.85
N ILE D 150 28.12 21.97 -17.93
CA ILE D 150 28.89 21.46 -19.06
C ILE D 150 30.33 21.98 -18.91
N ASP D 151 31.24 21.06 -18.62
CA ASP D 151 32.64 21.37 -18.32
C ASP D 151 32.76 22.56 -17.38
N GLY D 152 32.02 22.49 -16.27
CA GLY D 152 32.12 23.46 -15.21
C GLY D 152 31.16 24.64 -15.32
N SER D 153 30.63 24.92 -16.51
CA SER D 153 29.79 26.09 -16.72
C SER D 153 28.32 25.74 -16.57
N GLU D 154 27.61 26.51 -15.77
CA GLU D 154 26.18 26.28 -15.54
C GLU D 154 25.40 26.70 -16.78
N ARG D 155 24.63 25.77 -17.33
CA ARG D 155 23.83 26.05 -18.53
C ARG D 155 22.34 26.04 -18.18
N VAL D 159 17.16 22.19 -21.55
CA VAL D 159 16.84 21.35 -20.40
C VAL D 159 15.34 21.31 -20.16
N LEU D 160 14.82 20.10 -19.92
CA LEU D 160 13.40 19.87 -19.69
C LEU D 160 13.24 19.01 -18.44
N ASN D 161 12.49 19.50 -17.46
CA ASN D 161 12.27 18.80 -16.21
C ASN D 161 10.84 18.31 -16.13
N SER D 162 10.67 17.11 -15.55
CA SER D 162 9.35 16.52 -15.33
C SER D 162 9.30 15.93 -13.93
N TRP D 163 8.21 16.20 -13.21
CA TRP D 163 8.03 15.70 -11.87
C TRP D 163 6.97 14.60 -11.86
N THR D 164 7.09 13.70 -10.91
CA THR D 164 6.04 12.73 -10.62
C THR D 164 5.40 13.08 -9.28
N ASP D 165 4.22 12.53 -9.05
CA ASP D 165 3.55 12.76 -7.77
C ASP D 165 4.00 11.71 -6.75
N GLN D 166 3.41 11.76 -5.56
CA GLN D 166 3.76 10.82 -4.50
C GLN D 166 3.53 9.38 -4.93
N ASP D 167 4.62 8.63 -5.09
CA ASP D 167 4.48 7.19 -5.22
C ASP D 167 3.86 6.69 -3.91
N SER D 168 2.60 6.23 -3.99
CA SER D 168 1.80 6.01 -2.79
C SER D 168 2.41 4.95 -1.87
N LYS D 169 3.33 4.14 -2.39
CA LYS D 169 3.99 3.14 -1.56
C LYS D 169 4.98 3.78 -0.60
N ASP D 170 5.99 4.48 -1.13
CA ASP D 170 7.01 5.11 -0.31
C ASP D 170 6.66 6.56 0.07
N SER D 171 5.58 7.12 -0.48
CA SER D 171 5.10 8.46 -0.13
C SER D 171 6.08 9.57 -0.51
N THR D 172 6.81 9.42 -1.62
CA THR D 172 7.83 10.38 -2.00
C THR D 172 7.72 10.68 -3.50
N TYR D 173 8.49 11.68 -3.91
CA TYR D 173 8.48 12.19 -5.28
C TYR D 173 9.72 11.74 -6.03
N SER D 174 9.73 12.02 -7.33
CA SER D 174 10.86 11.73 -8.18
C SER D 174 10.81 12.68 -9.38
N MET D 175 11.97 12.90 -9.99
CA MET D 175 12.09 13.86 -11.07
C MET D 175 13.12 13.37 -12.07
N SER D 176 12.97 13.79 -13.33
CA SER D 176 13.91 13.49 -14.40
C SER D 176 14.24 14.77 -15.16
N SER D 177 15.52 14.96 -15.44
CA SER D 177 16.01 16.14 -16.14
C SER D 177 16.85 15.71 -17.32
N THR D 178 16.57 16.29 -18.48
CA THR D 178 17.26 15.92 -19.71
C THR D 178 18.04 17.09 -20.30
N LYS D 183 24.27 17.17 -31.76
CA LYS D 183 25.44 16.30 -31.67
C LYS D 183 26.72 17.11 -31.83
N ASP D 184 26.72 18.03 -32.81
CA ASP D 184 27.91 18.84 -33.05
C ASP D 184 28.33 19.60 -31.81
N GLU D 185 27.35 20.03 -31.00
CA GLU D 185 27.66 20.61 -29.69
C GLU D 185 28.13 19.54 -28.72
N TYR D 186 27.50 18.36 -28.76
CA TYR D 186 27.85 17.31 -27.81
C TYR D 186 29.28 16.81 -28.00
N GLU D 187 29.78 16.86 -29.24
CA GLU D 187 31.12 16.37 -29.53
C GLU D 187 32.17 17.43 -29.22
N TYR D 192 30.51 16.57 -17.87
CA TYR D 192 29.06 16.57 -17.90
C TYR D 192 28.51 16.27 -16.50
N THR D 193 27.74 17.20 -15.97
CA THR D 193 27.46 17.28 -14.54
C THR D 193 26.03 17.70 -14.28
N CYS D 194 25.40 17.11 -13.27
CA CYS D 194 24.02 17.35 -12.90
C CYS D 194 23.99 17.87 -11.46
N GLU D 195 24.17 19.19 -11.30
CA GLU D 195 24.20 19.77 -9.96
C GLU D 195 22.79 19.84 -9.40
N ALA D 196 22.57 19.22 -8.25
CA ALA D 196 21.27 19.19 -7.60
C ALA D 196 21.37 19.76 -6.20
N THR D 197 20.31 20.44 -5.77
CA THR D 197 20.26 21.06 -4.45
C THR D 197 18.95 20.67 -3.78
N HIS D 198 19.03 20.13 -2.57
CA HIS D 198 17.86 19.67 -1.85
C HIS D 198 17.93 20.14 -0.40
N LYS D 199 16.74 20.23 0.23
CA LYS D 199 16.67 20.61 1.63
C LYS D 199 17.43 19.62 2.52
N THR D 200 17.56 18.38 2.07
CA THR D 200 18.18 17.35 2.92
C THR D 200 19.66 17.63 3.14
N SER D 201 20.37 18.07 2.10
CA SER D 201 21.82 18.27 2.16
C SER D 201 22.13 19.74 1.97
N THR D 202 22.89 20.31 2.90
CA THR D 202 23.34 21.70 2.79
C THR D 202 24.22 21.90 1.56
N SER D 203 24.99 20.89 1.18
CA SER D 203 25.89 20.80 0.04
C SER D 203 25.20 20.14 -1.15
N PRO D 204 25.51 20.61 -2.36
CA PRO D 204 24.77 20.18 -3.55
C PRO D 204 25.22 18.83 -4.10
N ILE D 205 24.63 17.74 -3.59
CA ILE D 205 24.88 16.41 -4.12
C ILE D 205 24.76 16.44 -5.64
N VAL D 206 25.74 15.82 -6.31
CA VAL D 206 25.86 15.89 -7.76
C VAL D 206 26.35 14.54 -8.28
N LYS D 207 26.09 14.29 -9.56
CA LYS D 207 26.61 13.10 -10.22
C LYS D 207 27.45 13.45 -11.44
N LEU E 17 -35.79 58.68 -2.65
CA LEU E 17 -35.17 57.36 -2.72
C LEU E 17 -36.23 56.28 -2.85
N CYS E 18 -35.84 55.13 -3.40
CA CYS E 18 -36.77 54.03 -3.56
C CYS E 18 -37.11 53.39 -2.21
N PRO E 19 -38.38 53.02 -1.99
CA PRO E 19 -38.84 52.51 -0.69
C PRO E 19 -38.53 51.02 -0.55
N PHE E 20 -37.24 50.68 -0.61
CA PHE E 20 -36.82 49.30 -0.44
C PHE E 20 -36.91 48.82 1.01
N GLY E 21 -36.86 49.74 1.97
CA GLY E 21 -37.03 49.34 3.37
C GLY E 21 -38.38 48.71 3.65
N GLU E 22 -39.45 49.31 3.14
CA GLU E 22 -40.79 48.77 3.36
C GLU E 22 -41.04 47.43 2.68
N VAL E 23 -40.21 47.01 1.74
CA VAL E 23 -40.38 45.67 1.14
C VAL E 23 -39.58 44.61 1.87
N PHE E 24 -38.28 44.83 2.05
CA PHE E 24 -37.41 43.83 2.66
C PHE E 24 -37.59 43.73 4.17
N ASN E 25 -37.83 44.86 4.84
CA ASN E 25 -37.93 44.90 6.29
C ASN E 25 -39.37 44.94 6.76
N ALA E 26 -40.32 44.52 5.93
CA ALA E 26 -41.71 44.43 6.35
C ALA E 26 -41.85 43.44 7.49
N THR E 27 -42.62 43.83 8.50
CA THR E 27 -42.78 42.98 9.68
C THR E 27 -43.49 41.67 9.32
N ARG E 28 -44.49 41.75 8.45
CA ARG E 28 -45.24 40.58 8.03
C ARG E 28 -45.09 40.37 6.53
N PHE E 29 -44.96 39.11 6.13
CA PHE E 29 -44.89 38.70 4.74
C PHE E 29 -46.15 37.94 4.38
N ALA E 30 -46.41 37.85 3.08
CA ALA E 30 -47.61 37.19 2.59
C ALA E 30 -47.37 35.70 2.37
N SER E 31 -48.46 34.96 2.35
CA SER E 31 -48.43 33.56 1.93
C SER E 31 -48.09 33.46 0.45
N VAL E 32 -47.48 32.34 0.07
CA VAL E 32 -47.00 32.18 -1.30
C VAL E 32 -48.19 32.11 -2.25
N TYR E 33 -49.29 31.51 -1.83
CA TYR E 33 -50.48 31.46 -2.68
C TYR E 33 -51.06 32.85 -2.93
N ALA E 34 -50.93 33.76 -1.98
CA ALA E 34 -51.36 35.15 -2.14
C ALA E 34 -50.20 36.14 -2.13
N TRP E 35 -49.17 35.90 -2.95
CA TRP E 35 -47.97 36.75 -2.89
C TRP E 35 -48.29 38.21 -3.18
N ASN E 36 -47.63 39.10 -2.43
CA ASN E 36 -47.82 40.53 -2.52
C ASN E 36 -46.94 41.12 -3.62
N ARG E 37 -47.42 42.21 -4.24
CA ARG E 37 -46.63 42.92 -5.24
C ARG E 37 -46.65 44.41 -4.92
N LYS E 38 -45.46 45.00 -4.84
CA LYS E 38 -45.27 46.44 -4.67
C LYS E 38 -44.56 47.02 -5.88
N ARG E 39 -45.18 48.02 -6.51
CA ARG E 39 -44.59 48.74 -7.64
C ARG E 39 -43.69 49.88 -7.20
N ILE E 40 -42.47 49.91 -7.73
CA ILE E 40 -41.43 50.88 -7.38
C ILE E 40 -41.19 51.76 -8.59
N SER E 41 -41.37 53.07 -8.44
CA SER E 41 -41.33 53.98 -9.57
C SER E 41 -40.91 55.38 -9.12
N ASN E 42 -40.38 56.14 -10.09
CA ASN E 42 -40.06 57.56 -9.91
C ASN E 42 -39.09 57.80 -8.75
N CYS E 43 -38.08 56.95 -8.63
CA CYS E 43 -37.19 56.93 -7.48
C CYS E 43 -35.77 56.66 -7.96
N VAL E 44 -34.78 57.18 -7.23
CA VAL E 44 -33.39 56.77 -7.43
C VAL E 44 -33.02 55.65 -6.46
N ALA E 45 -32.36 54.62 -6.99
CA ALA E 45 -31.99 53.44 -6.22
C ALA E 45 -30.48 53.28 -6.14
N ASP E 46 -30.01 52.78 -4.99
CA ASP E 46 -28.63 52.37 -4.75
C ASP E 46 -28.70 50.87 -4.42
N TYR E 47 -28.52 50.03 -5.45
CA TYR E 47 -28.63 48.59 -5.25
C TYR E 47 -27.44 47.96 -4.51
N SER E 48 -26.32 48.69 -4.39
CA SER E 48 -25.17 48.22 -3.62
C SER E 48 -25.60 47.73 -2.23
N VAL E 49 -26.39 48.53 -1.53
CA VAL E 49 -26.87 48.29 -0.17
C VAL E 49 -27.52 46.92 -0.04
N LEU E 50 -27.94 46.34 -1.17
CA LEU E 50 -28.49 45.00 -1.16
C LEU E 50 -27.40 43.94 -1.21
N TYR E 51 -26.45 44.02 -2.14
CA TYR E 51 -25.55 42.89 -2.25
C TYR E 51 -24.40 43.00 -1.26
N ASN E 52 -24.28 44.14 -0.57
CA ASN E 52 -23.33 44.30 0.53
C ASN E 52 -23.97 44.14 1.90
N SER E 53 -25.26 43.82 1.97
CA SER E 53 -25.91 43.59 3.26
C SER E 53 -25.54 42.24 3.87
N ALA E 54 -25.13 41.28 3.03
CA ALA E 54 -24.62 39.96 3.43
C ALA E 54 -25.64 39.13 4.20
N SER E 55 -26.90 39.56 4.25
CA SER E 55 -27.95 38.92 5.03
C SER E 55 -28.70 37.87 4.22
N PHE E 56 -28.37 37.71 2.95
CA PHE E 56 -29.14 36.91 2.00
C PHE E 56 -28.43 35.60 1.72
N SER E 57 -29.20 34.53 1.54
CA SER E 57 -28.67 33.21 1.18
C SER E 57 -28.68 32.96 -0.32
N THR E 58 -29.66 33.45 -1.07
CA THR E 58 -29.67 33.27 -2.52
C THR E 58 -29.88 34.60 -3.21
N PHE E 59 -29.13 34.84 -4.33
CA PHE E 59 -29.22 36.09 -5.09
C PHE E 59 -28.85 35.85 -6.56
N LYS E 60 -29.77 35.26 -7.30
CA LYS E 60 -29.55 34.88 -8.69
C LYS E 60 -30.26 35.85 -9.63
N CYS E 61 -29.48 36.49 -10.50
CA CYS E 61 -29.98 37.45 -11.47
C CYS E 61 -29.84 36.86 -12.87
N TYR E 62 -30.69 37.34 -13.77
CA TYR E 62 -30.95 36.71 -15.06
C TYR E 62 -30.97 37.76 -16.16
N GLY E 63 -30.04 37.65 -17.10
CA GLY E 63 -29.99 38.56 -18.23
C GLY E 63 -29.48 39.94 -17.90
N VAL E 64 -28.93 40.14 -16.71
CA VAL E 64 -28.41 41.43 -16.27
C VAL E 64 -27.39 41.15 -15.19
N SER E 65 -26.34 41.96 -15.15
CA SER E 65 -25.30 41.82 -14.14
C SER E 65 -25.65 42.74 -12.99
N PRO E 66 -25.80 42.22 -11.76
CA PRO E 66 -26.01 43.14 -10.64
C PRO E 66 -24.87 44.11 -10.40
N THR E 67 -23.61 43.69 -10.58
CA THR E 67 -22.54 44.66 -10.42
C THR E 67 -22.64 45.84 -11.38
N LYS E 68 -23.39 45.72 -12.48
CA LYS E 68 -23.52 46.85 -13.40
C LYS E 68 -24.91 47.46 -13.53
N LEU E 69 -25.93 46.93 -12.85
CA LEU E 69 -27.27 47.50 -13.03
C LEU E 69 -27.34 48.93 -12.53
N ASN E 70 -26.44 49.33 -11.62
CA ASN E 70 -26.38 50.69 -11.11
C ASN E 70 -25.69 51.63 -12.08
N VAL E 77 -40.26 48.93 -11.68
CA VAL E 77 -39.73 47.73 -11.02
C VAL E 77 -40.79 47.15 -10.08
N TYR E 78 -41.12 45.88 -10.29
CA TYR E 78 -42.07 45.14 -9.48
C TYR E 78 -41.36 44.25 -8.46
N ALA E 79 -41.79 44.34 -7.20
CA ALA E 79 -41.23 43.57 -6.09
C ALA E 79 -42.29 42.63 -5.53
N ASP E 80 -42.18 41.34 -5.86
CA ASP E 80 -43.08 40.31 -5.36
C ASP E 80 -42.45 39.60 -4.16
N SER E 81 -43.21 39.50 -3.06
CA SER E 81 -42.72 38.94 -1.81
C SER E 81 -43.69 37.91 -1.24
N PHE E 82 -43.15 36.87 -0.62
CA PHE E 82 -43.94 35.80 -0.01
C PHE E 82 -43.01 34.96 0.87
N VAL E 83 -43.58 33.94 1.53
CA VAL E 83 -42.85 33.03 2.41
C VAL E 83 -43.04 31.60 1.93
N ILE E 84 -41.94 30.84 1.86
CA ILE E 84 -41.97 29.40 1.58
C ILE E 84 -41.02 28.69 2.54
N ARG E 85 -40.92 27.36 2.39
CA ARG E 85 -39.96 26.57 3.16
C ARG E 85 -38.65 26.38 2.37
N GLY E 86 -37.59 26.07 3.12
CA GLY E 86 -36.25 26.10 2.56
C GLY E 86 -36.12 25.22 1.32
N ASP E 87 -36.57 23.96 1.43
CA ASP E 87 -36.44 23.00 0.34
C ASP E 87 -37.26 23.36 -0.89
N GLU E 88 -38.02 24.44 -0.84
CA GLU E 88 -38.78 24.91 -1.98
C GLU E 88 -38.18 26.15 -2.63
N VAL E 89 -37.12 26.72 -2.04
CA VAL E 89 -36.45 27.88 -2.63
C VAL E 89 -35.87 27.55 -3.99
N ARG E 90 -35.40 26.31 -4.18
CA ARG E 90 -34.88 25.91 -5.49
C ARG E 90 -35.93 26.05 -6.59
N GLN E 91 -37.21 25.98 -6.24
CA GLN E 91 -38.30 26.06 -7.19
C GLN E 91 -38.56 27.48 -7.68
N ILE E 92 -38.04 28.49 -6.99
CA ILE E 92 -38.27 29.90 -7.37
C ILE E 92 -37.19 30.28 -8.38
N ALA E 93 -37.39 29.83 -9.61
CA ALA E 93 -36.46 30.06 -10.71
C ALA E 93 -37.21 29.80 -12.01
N PRO E 94 -36.79 30.41 -13.12
CA PRO E 94 -37.44 30.12 -14.40
C PRO E 94 -37.29 28.65 -14.76
N GLY E 95 -38.35 28.08 -15.32
CA GLY E 95 -38.28 26.72 -15.81
C GLY E 95 -38.34 25.63 -14.77
N GLN E 96 -38.83 25.93 -13.57
CA GLN E 96 -38.93 24.95 -12.50
C GLN E 96 -40.34 24.37 -12.42
N THR E 97 -40.41 23.18 -11.82
CA THR E 97 -41.68 22.50 -11.59
C THR E 97 -41.77 22.13 -10.11
N GLY E 98 -42.94 21.64 -9.72
CA GLY E 98 -43.24 21.35 -8.34
C GLY E 98 -44.45 22.13 -7.88
N LYS E 99 -44.83 21.88 -6.63
CA LYS E 99 -46.08 22.45 -6.13
C LYS E 99 -46.05 23.98 -6.16
N ILE E 100 -44.94 24.58 -5.75
CA ILE E 100 -44.85 26.04 -5.73
C ILE E 100 -44.83 26.62 -7.14
N ALA E 101 -43.99 26.06 -8.01
CA ALA E 101 -43.87 26.61 -9.36
C ALA E 101 -45.11 26.33 -10.19
N ASP E 102 -45.74 25.19 -9.96
CA ASP E 102 -46.90 24.81 -10.78
C ASP E 102 -48.18 25.46 -10.28
N TYR E 103 -48.36 25.57 -8.96
CA TYR E 103 -49.65 25.93 -8.40
C TYR E 103 -49.67 27.23 -7.63
N ASN E 104 -48.51 27.86 -7.39
CA ASN E 104 -48.46 29.01 -6.50
C ASN E 104 -47.82 30.23 -7.15
N TYR E 105 -46.59 30.08 -7.62
CA TYR E 105 -45.86 31.19 -8.23
C TYR E 105 -44.99 30.65 -9.36
N LYS E 106 -45.22 31.11 -10.58
CA LYS E 106 -44.57 30.58 -11.77
C LYS E 106 -43.86 31.74 -12.48
N LEU E 107 -42.56 31.55 -12.76
CA LEU E 107 -41.72 32.52 -13.45
C LEU E 107 -41.61 32.19 -14.94
N PRO E 108 -41.60 33.21 -15.79
CA PRO E 108 -41.47 32.95 -17.24
C PRO E 108 -40.05 32.55 -17.60
N ASP E 109 -39.92 31.98 -18.81
CA ASP E 109 -38.60 31.57 -19.29
C ASP E 109 -37.69 32.76 -19.55
N ASP E 110 -38.23 33.84 -20.13
CA ASP E 110 -37.47 35.06 -20.41
C ASP E 110 -37.41 36.02 -19.22
N PHE E 111 -37.46 35.51 -17.99
CA PHE E 111 -37.40 36.38 -16.83
C PHE E 111 -36.09 37.16 -16.84
N THR E 112 -36.17 38.47 -16.60
CA THR E 112 -34.93 39.26 -16.48
C THR E 112 -34.82 40.07 -15.19
N GLY E 113 -34.99 39.40 -14.06
CA GLY E 113 -34.98 39.98 -12.74
C GLY E 113 -34.08 39.18 -11.80
N CYS E 114 -34.27 39.35 -10.49
CA CYS E 114 -33.42 38.75 -9.47
C CYS E 114 -34.32 38.11 -8.42
N VAL E 115 -33.80 37.06 -7.78
CA VAL E 115 -34.52 36.29 -6.76
C VAL E 115 -33.75 36.33 -5.45
N ILE E 116 -34.32 36.98 -4.45
CA ILE E 116 -33.66 37.25 -3.18
C ILE E 116 -34.39 36.50 -2.08
N ALA E 117 -33.65 35.74 -1.27
CA ALA E 117 -34.24 34.95 -0.20
C ALA E 117 -33.36 34.98 1.03
N TRP E 118 -33.97 34.89 2.20
CA TRP E 118 -33.23 34.83 3.45
C TRP E 118 -34.03 34.08 4.50
N ASN E 119 -33.31 33.37 5.38
CA ASN E 119 -33.95 32.60 6.44
C ASN E 119 -34.64 33.54 7.42
N SER E 120 -35.91 33.24 7.72
CA SER E 120 -36.70 34.05 8.64
C SER E 120 -37.24 33.24 9.82
N ASN E 121 -36.48 32.23 10.27
CA ASN E 121 -36.94 31.40 11.39
C ASN E 121 -37.20 32.23 12.63
N ASN E 122 -36.39 33.27 12.87
CA ASN E 122 -36.53 34.09 14.05
C ASN E 122 -37.77 34.99 14.02
N LEU E 123 -38.42 35.13 12.88
CA LEU E 123 -39.58 36.01 12.75
C LEU E 123 -40.89 35.25 12.48
N ASP E 124 -40.85 34.19 11.70
CA ASP E 124 -42.05 33.51 11.22
C ASP E 124 -42.29 32.14 11.86
N SER E 125 -41.44 31.70 12.78
CA SER E 125 -41.72 30.51 13.55
C SER E 125 -42.01 30.84 15.01
N LYS E 126 -42.77 29.95 15.67
CA LYS E 126 -43.11 30.09 17.08
C LYS E 126 -43.42 28.71 17.65
N VAL E 127 -43.35 28.60 18.96
CA VAL E 127 -43.69 27.35 19.63
C VAL E 127 -45.17 27.05 19.44
N GLY E 128 -45.47 25.81 19.04
CA GLY E 128 -46.81 25.47 18.65
C GLY E 128 -47.13 25.71 17.19
N GLY E 129 -46.21 26.31 16.44
CA GLY E 129 -46.43 26.51 15.02
C GLY E 129 -47.10 27.83 14.67
N ASN E 130 -46.58 28.49 13.65
CA ASN E 130 -47.19 29.67 13.04
C ASN E 130 -47.94 29.16 11.83
N TYR E 131 -49.27 29.25 11.87
CA TYR E 131 -50.13 28.77 10.80
C TYR E 131 -50.73 29.87 9.94
N ASN E 132 -50.24 31.10 10.06
CA ASN E 132 -50.81 32.19 9.27
C ASN E 132 -50.36 32.11 7.82
N TYR E 133 -49.28 31.38 7.56
CA TYR E 133 -48.71 31.19 6.22
C TYR E 133 -49.28 29.91 5.60
N LEU E 134 -49.89 30.05 4.42
CA LEU E 134 -50.53 28.95 3.72
C LEU E 134 -49.84 28.73 2.37
N TYR E 135 -49.96 27.52 1.83
CA TYR E 135 -49.56 27.29 0.45
C TYR E 135 -50.59 26.41 -0.24
N ARG E 136 -50.68 26.54 -1.57
CA ARG E 136 -51.63 25.75 -2.32
C ARG E 136 -51.07 24.36 -2.55
N LEU E 137 -51.84 23.34 -2.17
CA LEU E 137 -51.37 21.96 -2.29
C LEU E 137 -51.86 21.29 -3.57
N PHE E 138 -53.11 21.55 -3.97
CA PHE E 138 -53.68 20.93 -5.16
C PHE E 138 -54.19 21.99 -6.12
N ARG E 139 -54.10 21.69 -7.42
CA ARG E 139 -54.70 22.54 -8.43
C ARG E 139 -54.93 21.68 -9.66
N LYS E 140 -55.94 22.06 -10.45
CA LYS E 140 -56.25 21.31 -11.67
C LYS E 140 -55.24 21.50 -12.80
N SER E 141 -54.51 22.61 -12.83
CA SER E 141 -53.57 22.84 -13.92
C SER E 141 -52.52 23.85 -13.48
N ASN E 142 -51.42 23.87 -14.22
CA ASN E 142 -50.33 24.82 -13.94
C ASN E 142 -50.72 26.27 -14.17
N LEU E 143 -50.18 27.13 -13.30
CA LEU E 143 -50.28 28.59 -13.41
C LEU E 143 -49.52 29.13 -14.62
N LYS E 144 -49.99 30.26 -15.13
CA LYS E 144 -49.20 30.97 -16.13
C LYS E 144 -48.21 31.91 -15.44
N PRO E 145 -47.18 32.37 -16.15
CA PRO E 145 -46.16 33.22 -15.53
C PRO E 145 -46.78 34.45 -14.86
N PHE E 146 -46.43 34.65 -13.59
CA PHE E 146 -46.85 35.75 -12.74
C PHE E 146 -48.34 35.73 -12.41
N GLU E 147 -49.04 34.64 -12.67
CA GLU E 147 -50.44 34.56 -12.30
C GLU E 147 -50.57 34.34 -10.80
N ARG E 148 -51.70 34.76 -10.25
CA ARG E 148 -52.03 34.51 -8.85
C ARG E 148 -53.36 33.77 -8.79
N ASP E 149 -53.43 32.75 -7.93
CA ASP E 149 -54.66 31.99 -7.75
C ASP E 149 -55.03 31.97 -6.28
N ILE E 150 -56.17 32.56 -5.95
CA ILE E 150 -56.70 32.56 -4.59
C ILE E 150 -58.02 31.81 -4.53
N SER E 151 -58.34 31.01 -5.54
CA SER E 151 -59.48 30.10 -5.48
C SER E 151 -59.41 29.28 -4.20
N THR E 152 -60.57 29.09 -3.58
CA THR E 152 -60.70 28.20 -2.42
C THR E 152 -61.81 27.19 -2.61
N GLU E 153 -61.99 26.69 -3.82
CA GLU E 153 -63.03 25.71 -4.06
C GLU E 153 -62.44 24.33 -3.83
N ILE E 154 -63.24 23.47 -3.22
CA ILE E 154 -62.83 22.10 -2.93
C ILE E 154 -62.42 21.36 -4.19
N TYR E 155 -61.25 20.71 -4.10
CA TYR E 155 -60.62 19.98 -5.18
C TYR E 155 -61.27 18.60 -5.31
N GLN E 156 -61.69 18.27 -6.53
CA GLN E 156 -62.38 17.00 -6.78
C GLN E 156 -61.32 15.96 -7.12
N ALA E 157 -61.05 15.07 -6.18
CA ALA E 157 -60.06 14.01 -6.33
C ALA E 157 -60.71 12.71 -6.81
N PRO E 161 -69.22 15.01 -6.65
CA PRO E 161 -69.04 16.45 -6.38
C PRO E 161 -68.92 16.73 -4.88
N CYS E 162 -68.25 17.82 -4.50
CA CYS E 162 -67.98 17.99 -3.08
C CYS E 162 -69.06 18.81 -2.37
N ASN E 163 -69.92 19.50 -3.13
CA ASN E 163 -71.02 20.28 -2.58
C ASN E 163 -70.53 21.29 -1.53
N GLY E 164 -69.28 21.71 -1.62
CA GLY E 164 -68.84 22.73 -0.70
C GLY E 164 -68.56 22.23 0.70
N VAL E 165 -68.46 20.91 0.87
CA VAL E 165 -68.20 20.28 2.16
C VAL E 165 -67.06 19.28 2.04
N GLU E 166 -66.21 19.24 3.06
CA GLU E 166 -65.11 18.28 3.17
C GLU E 166 -65.60 16.85 3.03
N ASN E 169 -62.67 11.79 -0.20
CA ASN E 169 -62.36 12.21 -1.57
C ASN E 169 -62.72 13.66 -1.84
N CYS E 170 -62.67 14.51 -0.81
CA CYS E 170 -62.93 15.93 -1.02
C CYS E 170 -61.99 16.74 -0.14
N TYR E 171 -61.12 17.57 -0.74
CA TYR E 171 -60.06 18.16 0.07
C TYR E 171 -60.06 19.68 -0.03
N PHE E 172 -59.64 20.33 1.07
CA PHE E 172 -59.34 21.74 1.08
C PHE E 172 -58.17 22.04 0.14
N PRO E 173 -58.23 23.07 -0.70
CA PRO E 173 -57.11 23.27 -1.63
C PRO E 173 -55.84 23.77 -0.93
N LEU E 174 -55.93 24.56 0.14
CA LEU E 174 -54.74 25.14 0.78
C LEU E 174 -54.38 24.39 2.06
N GLN E 175 -53.07 24.34 2.35
CA GLN E 175 -52.54 23.71 3.56
C GLN E 175 -51.58 24.67 4.25
N SER E 176 -51.64 24.74 5.59
CA SER E 176 -50.81 25.69 6.33
C SER E 176 -49.46 25.08 6.73
N TYR E 177 -48.43 25.92 6.69
CA TYR E 177 -47.09 25.55 7.12
C TYR E 177 -46.98 25.52 8.65
N GLY E 178 -46.31 24.49 9.17
CA GLY E 178 -46.11 24.33 10.61
C GLY E 178 -44.79 24.89 11.13
N PHE E 179 -44.56 26.19 11.00
CA PHE E 179 -43.26 26.79 11.29
C PHE E 179 -42.98 26.86 12.80
N GLN E 180 -42.10 25.97 13.30
CA GLN E 180 -41.58 25.95 14.66
C GLN E 180 -40.06 26.24 14.66
N PRO E 181 -39.57 27.01 15.64
CA PRO E 181 -38.12 27.30 15.67
C PRO E 181 -37.22 26.07 15.77
N THR E 182 -37.72 24.96 16.31
CA THR E 182 -36.89 23.77 16.43
C THR E 182 -36.85 22.95 15.14
N ASN E 183 -37.65 23.33 14.14
CA ASN E 183 -37.66 22.65 12.86
C ASN E 183 -36.26 22.61 12.24
N GLY E 184 -36.01 21.55 11.48
CA GLY E 184 -34.83 21.52 10.64
C GLY E 184 -34.83 22.63 9.61
N VAL E 185 -33.65 22.90 9.05
CA VAL E 185 -33.46 24.04 8.16
C VAL E 185 -34.30 23.91 6.90
N GLY E 186 -34.52 22.69 6.41
CA GLY E 186 -35.35 22.51 5.24
C GLY E 186 -36.83 22.78 5.47
N TYR E 187 -37.26 22.84 6.72
CA TYR E 187 -38.64 23.16 7.07
C TYR E 187 -38.80 24.51 7.73
N GLN E 188 -37.74 25.29 7.85
CA GLN E 188 -37.86 26.62 8.43
C GLN E 188 -38.42 27.60 7.40
N PRO E 189 -38.99 28.72 7.84
CA PRO E 189 -39.53 29.70 6.89
C PRO E 189 -38.43 30.51 6.20
N TYR E 190 -38.63 30.75 4.91
CA TYR E 190 -37.74 31.61 4.13
C TYR E 190 -38.57 32.68 3.43
N ARG E 191 -38.14 33.92 3.58
CA ARG E 191 -38.75 35.07 2.93
C ARG E 191 -38.12 35.30 1.55
N VAL E 192 -38.95 35.51 0.53
CA VAL E 192 -38.50 35.58 -0.85
C VAL E 192 -38.97 36.90 -1.43
N VAL E 193 -38.09 37.60 -2.14
CA VAL E 193 -38.45 38.82 -2.86
C VAL E 193 -38.01 38.68 -4.31
N VAL E 194 -38.95 38.81 -5.24
CA VAL E 194 -38.69 38.72 -6.67
C VAL E 194 -38.82 40.10 -7.29
N LEU E 195 -37.72 40.61 -7.86
CA LEU E 195 -37.73 41.90 -8.54
C LEU E 195 -37.83 41.66 -10.05
N SER E 196 -38.88 42.21 -10.65
CA SER E 196 -39.07 42.18 -12.10
C SER E 196 -38.93 43.58 -12.68
N PHE E 197 -38.24 43.69 -13.81
CA PHE E 197 -37.95 44.98 -14.42
C PHE E 197 -38.75 45.17 -15.70
N THR F 15 44.78 -41.11 35.72
CA THR F 15 43.96 -39.90 35.81
C THR F 15 44.77 -38.65 35.50
N ASN F 16 45.76 -38.80 34.61
CA ASN F 16 46.53 -37.67 34.15
C ASN F 16 45.79 -36.98 33.01
N LEU F 17 45.63 -35.66 33.11
CA LEU F 17 44.76 -34.95 32.18
C LEU F 17 45.37 -34.93 30.77
N CYS F 18 44.48 -34.78 29.79
CA CYS F 18 44.91 -34.72 28.39
C CYS F 18 45.63 -33.42 28.08
N PRO F 19 46.71 -33.47 27.30
CA PRO F 19 47.55 -32.29 27.02
C PRO F 19 46.97 -31.44 25.89
N PHE F 20 45.74 -30.94 26.11
CA PHE F 20 45.12 -30.07 25.12
C PHE F 20 45.74 -28.68 25.10
N GLY F 21 46.36 -28.24 26.19
CA GLY F 21 47.05 -26.96 26.16
C GLY F 21 48.16 -26.93 25.13
N GLU F 22 48.98 -27.99 25.10
CA GLU F 22 50.07 -28.02 24.13
C GLU F 22 49.61 -28.13 22.68
N VAL F 23 48.36 -28.50 22.40
CA VAL F 23 47.88 -28.47 21.02
C VAL F 23 47.21 -27.15 20.66
N PHE F 24 46.23 -26.71 21.46
CA PHE F 24 45.50 -25.49 21.14
C PHE F 24 46.27 -24.21 21.41
N ASN F 25 47.08 -24.17 22.47
CA ASN F 25 47.79 -22.95 22.85
C ASN F 25 49.24 -22.95 22.40
N ALA F 26 49.60 -23.78 21.43
CA ALA F 26 50.94 -23.75 20.88
C ALA F 26 51.24 -22.38 20.28
N THR F 27 52.43 -21.85 20.56
CA THR F 27 52.78 -20.52 20.07
C THR F 27 52.86 -20.50 18.55
N ARG F 28 53.40 -21.56 17.95
CA ARG F 28 53.53 -21.64 16.51
C ARG F 28 52.74 -22.82 15.98
N PHE F 29 52.07 -22.62 14.86
CA PHE F 29 51.32 -23.64 14.15
C PHE F 29 52.00 -23.97 12.84
N ALA F 30 51.66 -25.14 12.30
CA ALA F 30 52.26 -25.61 11.08
C ALA F 30 51.48 -25.11 9.87
N SER F 31 52.17 -25.13 8.73
CA SER F 31 51.52 -24.89 7.45
C SER F 31 50.56 -26.02 7.12
N VAL F 32 49.53 -25.69 6.34
CA VAL F 32 48.48 -26.66 6.04
C VAL F 32 49.03 -27.81 5.22
N TYR F 33 49.98 -27.53 4.32
CA TYR F 33 50.58 -28.60 3.54
C TYR F 33 51.35 -29.58 4.44
N ALA F 34 51.92 -29.07 5.54
CA ALA F 34 52.60 -29.92 6.52
C ALA F 34 51.87 -29.97 7.85
N TRP F 35 50.57 -30.26 7.80
CA TRP F 35 49.72 -30.22 8.99
C TRP F 35 50.23 -31.17 10.06
N ASN F 36 50.17 -30.72 11.32
CA ASN F 36 50.66 -31.48 12.46
C ASN F 36 49.63 -32.48 12.98
N ARG F 37 50.12 -33.60 13.53
CA ARG F 37 49.27 -34.60 14.17
C ARG F 37 49.85 -34.92 15.53
N LYS F 38 49.02 -34.81 16.57
CA LYS F 38 49.37 -35.21 17.93
C LYS F 38 48.46 -36.34 18.38
N ARG F 39 49.05 -37.47 18.79
CA ARG F 39 48.29 -38.61 19.30
C ARG F 39 48.03 -38.43 20.80
N ILE F 40 46.77 -38.57 21.19
CA ILE F 40 46.28 -38.36 22.55
C ILE F 40 45.81 -39.70 23.11
N SER F 41 46.39 -40.10 24.24
CA SER F 41 46.18 -41.42 24.82
C SER F 41 46.38 -41.37 26.33
N ASN F 42 45.78 -42.35 27.01
CA ASN F 42 45.94 -42.59 28.45
C ASN F 42 45.60 -41.38 29.32
N CYS F 43 44.52 -40.67 28.98
CA CYS F 43 44.22 -39.41 29.64
C CYS F 43 42.71 -39.32 29.83
N VAL F 44 42.28 -38.60 30.88
CA VAL F 44 40.89 -38.19 31.03
C VAL F 44 40.69 -36.78 30.50
N ALA F 45 39.63 -36.57 29.72
CA ALA F 45 39.33 -35.30 29.08
C ALA F 45 38.03 -34.71 29.60
N ASP F 46 37.98 -33.39 29.71
CA ASP F 46 36.77 -32.62 30.00
C ASP F 46 36.60 -31.72 28.78
N TYR F 47 35.82 -32.19 27.80
CA TYR F 47 35.64 -31.47 26.55
C TYR F 47 34.75 -30.22 26.65
N SER F 48 33.96 -30.07 27.72
CA SER F 48 33.17 -28.85 27.90
C SER F 48 33.99 -27.59 27.71
N VAL F 49 35.14 -27.52 28.39
CA VAL F 49 36.03 -26.37 28.41
C VAL F 49 36.38 -25.92 26.99
N LEU F 50 36.26 -26.81 26.01
CA LEU F 50 36.51 -26.37 24.65
C LEU F 50 35.29 -25.73 23.99
N TYR F 51 34.13 -26.40 23.99
CA TYR F 51 33.04 -25.85 23.20
C TYR F 51 32.24 -24.79 23.93
N ASN F 52 32.47 -24.60 25.23
CA ASN F 52 31.89 -23.51 26.01
C ASN F 52 32.84 -22.34 26.22
N SER F 53 34.04 -22.37 25.62
CA SER F 53 34.98 -21.27 25.74
C SER F 53 34.62 -20.05 24.90
N ALA F 54 33.66 -20.18 23.98
CA ALA F 54 33.12 -19.08 23.19
C ALA F 54 34.17 -18.37 22.33
N SER F 55 35.37 -18.92 22.23
CA SER F 55 36.48 -18.29 21.50
C SER F 55 36.53 -18.72 20.05
N PHE F 56 35.65 -19.62 19.63
CA PHE F 56 35.71 -20.29 18.35
C PHE F 56 34.65 -19.75 17.39
N SER F 57 35.02 -19.68 16.11
CA SER F 57 34.12 -19.29 15.05
C SER F 57 33.48 -20.50 14.39
N THR F 58 34.19 -21.61 14.27
CA THR F 58 33.59 -22.81 13.68
C THR F 58 33.81 -23.99 14.63
N PHE F 59 32.77 -24.82 14.79
CA PHE F 59 32.79 -25.98 15.69
C PHE F 59 31.82 -27.03 15.14
N LYS F 60 32.23 -27.75 14.10
CA LYS F 60 31.36 -28.69 13.41
C LYS F 60 31.69 -30.12 13.79
N CYS F 61 30.73 -30.83 14.37
CA CYS F 61 30.88 -32.22 14.78
C CYS F 61 29.97 -33.08 13.92
N TYR F 62 30.38 -34.34 13.77
CA TYR F 62 29.84 -35.27 12.79
C TYR F 62 29.63 -36.60 13.50
N GLY F 63 28.37 -37.03 13.59
CA GLY F 63 28.09 -38.31 14.22
C GLY F 63 28.22 -38.27 15.72
N VAL F 64 28.38 -37.07 16.30
CA VAL F 64 28.52 -36.90 17.73
C VAL F 64 28.10 -35.48 18.09
N SER F 65 27.50 -35.33 19.26
CA SER F 65 27.04 -34.03 19.75
C SER F 65 28.08 -33.42 20.69
N PRO F 66 28.26 -32.09 20.59
CA PRO F 66 29.23 -31.37 21.42
C PRO F 66 28.90 -31.46 22.90
N THR F 67 27.61 -31.46 23.24
CA THR F 67 27.17 -31.55 24.62
C THR F 67 26.92 -32.99 25.04
N LYS F 68 27.14 -33.92 24.12
CA LYS F 68 26.94 -35.34 24.40
C LYS F 68 28.16 -36.17 24.01
N LEU F 69 29.34 -35.57 24.09
CA LEU F 69 30.58 -36.25 23.74
C LEU F 69 31.43 -36.51 24.98
N ASN F 70 31.00 -35.95 26.11
CA ASN F 70 31.72 -36.10 27.36
C ASN F 70 31.42 -37.43 28.05
N ASP F 71 30.26 -38.01 27.73
CA ASP F 71 29.86 -39.28 28.33
C ASP F 71 30.17 -40.46 27.42
N LEU F 72 31.34 -40.44 26.81
CA LEU F 72 31.76 -41.52 25.92
C LEU F 72 33.26 -41.72 26.02
N CYS F 73 33.71 -42.92 25.68
CA CYS F 73 35.11 -43.31 25.75
C CYS F 73 35.60 -43.73 24.37
N PHE F 74 36.82 -43.33 24.03
CA PHE F 74 37.45 -43.71 22.78
C PHE F 74 38.82 -44.32 23.07
N THR F 75 39.35 -45.02 22.07
CA THR F 75 40.68 -45.60 22.22
C THR F 75 41.77 -44.53 22.19
N ASN F 76 41.85 -43.78 21.09
CA ASN F 76 42.80 -42.70 20.95
C ASN F 76 42.15 -41.52 20.23
N VAL F 77 42.78 -40.34 20.37
CA VAL F 77 42.31 -39.11 19.74
C VAL F 77 43.45 -38.49 18.96
N TYR F 78 43.23 -38.25 17.67
CA TYR F 78 44.23 -37.60 16.83
C TYR F 78 43.86 -36.13 16.65
N ALA F 79 44.84 -35.26 16.87
CA ALA F 79 44.67 -33.81 16.77
C ALA F 79 45.53 -33.28 15.63
N ASP F 80 44.90 -32.98 14.50
CA ASP F 80 45.58 -32.40 13.35
C ASP F 80 45.38 -30.88 13.37
N SER F 81 46.47 -30.15 13.25
CA SER F 81 46.42 -28.70 13.38
C SER F 81 47.14 -28.02 12.21
N PHE F 82 46.60 -26.88 11.80
CA PHE F 82 47.19 -26.12 10.70
C PHE F 82 46.58 -24.71 10.66
N VAL F 83 47.05 -23.91 9.71
CA VAL F 83 46.61 -22.53 9.49
C VAL F 83 46.13 -22.38 8.05
N ILE F 84 44.97 -21.73 7.86
CA ILE F 84 44.49 -21.38 6.52
C ILE F 84 43.97 -19.95 6.53
N ARG F 85 43.47 -19.50 5.38
CA ARG F 85 42.82 -18.21 5.26
C ARG F 85 41.32 -18.36 5.44
N GLY F 86 40.66 -17.24 5.77
CA GLY F 86 39.28 -17.31 6.18
C GLY F 86 38.43 -18.00 5.14
N ASP F 87 38.59 -17.58 3.87
CA ASP F 87 37.80 -18.15 2.78
C ASP F 87 38.12 -19.60 2.51
N GLU F 88 39.07 -20.19 3.23
CA GLU F 88 39.38 -21.61 3.09
C GLU F 88 38.90 -22.46 4.26
N VAL F 89 38.37 -21.83 5.31
CA VAL F 89 37.84 -22.59 6.45
C VAL F 89 36.69 -23.48 6.03
N ARG F 90 35.88 -23.03 5.06
CA ARG F 90 34.78 -23.82 4.55
C ARG F 90 35.23 -25.18 3.99
N GLN F 91 36.47 -25.26 3.52
CA GLN F 91 36.99 -26.49 2.92
C GLN F 91 37.35 -27.59 3.90
N ILE F 92 37.45 -27.28 5.20
CA ILE F 92 37.83 -28.30 6.20
C ILE F 92 36.56 -28.99 6.66
N ALA F 93 36.06 -29.89 5.81
CA ALA F 93 34.83 -30.63 6.05
C ALA F 93 34.83 -31.84 5.13
N PRO F 94 34.12 -32.91 5.49
CA PRO F 94 34.03 -34.07 4.57
C PRO F 94 33.36 -33.68 3.26
N GLY F 95 33.90 -34.22 2.16
CA GLY F 95 33.28 -34.03 0.86
C GLY F 95 33.50 -32.69 0.22
N GLN F 96 34.49 -31.93 0.66
CA GLN F 96 34.76 -30.62 0.10
C GLN F 96 35.90 -30.67 -0.91
N THR F 97 35.93 -29.68 -1.80
CA THR F 97 36.96 -29.53 -2.81
C THR F 97 37.56 -28.12 -2.76
N GLY F 98 38.63 -27.94 -3.53
CA GLY F 98 39.41 -26.73 -3.55
C GLY F 98 40.87 -27.03 -3.22
N LYS F 99 41.68 -25.97 -3.27
CA LYS F 99 43.12 -26.18 -3.13
C LYS F 99 43.45 -26.82 -1.78
N ILE F 100 42.81 -26.37 -0.70
CA ILE F 100 43.11 -26.96 0.60
C ILE F 100 42.59 -28.39 0.66
N ALA F 101 41.33 -28.60 0.26
CA ALA F 101 40.76 -29.93 0.37
C ALA F 101 41.34 -30.90 -0.66
N ASP F 102 41.68 -30.42 -1.86
CA ASP F 102 42.19 -31.32 -2.89
C ASP F 102 43.69 -31.58 -2.73
N TYR F 103 44.46 -30.55 -2.36
CA TYR F 103 45.91 -30.61 -2.44
C TYR F 103 46.61 -30.49 -1.09
N ASN F 104 45.89 -30.19 -0.01
CA ASN F 104 46.58 -29.89 1.24
C ASN F 104 46.08 -30.75 2.39
N TYR F 105 44.78 -30.72 2.66
CA TYR F 105 44.22 -31.50 3.76
C TYR F 105 42.83 -31.97 3.39
N LYS F 106 42.63 -33.29 3.33
CA LYS F 106 41.39 -33.88 2.85
C LYS F 106 40.83 -34.80 3.93
N LEU F 107 39.57 -34.58 4.29
CA LEU F 107 38.85 -35.36 5.28
C LEU F 107 38.03 -36.45 4.61
N PRO F 108 37.94 -37.64 5.19
CA PRO F 108 37.14 -38.71 4.57
C PRO F 108 35.65 -38.44 4.72
N ASP F 109 34.87 -39.16 3.90
CA ASP F 109 33.42 -39.03 3.94
C ASP F 109 32.82 -39.55 5.25
N ASP F 110 33.35 -40.68 5.76
CA ASP F 110 32.87 -41.24 7.02
C ASP F 110 33.54 -40.65 8.26
N PHE F 111 33.98 -39.39 8.19
CA PHE F 111 34.63 -38.74 9.33
C PHE F 111 33.66 -38.71 10.50
N THR F 112 34.12 -39.11 11.69
CA THR F 112 33.33 -39.02 12.92
C THR F 112 34.06 -38.25 14.01
N GLY F 113 34.53 -37.05 13.67
CA GLY F 113 35.29 -36.20 14.57
C GLY F 113 34.73 -34.79 14.50
N CYS F 114 35.51 -33.79 14.93
CA CYS F 114 35.05 -32.42 14.99
C CYS F 114 36.11 -31.51 14.38
N VAL F 115 35.63 -30.40 13.83
CA VAL F 115 36.44 -29.40 13.15
C VAL F 115 36.26 -28.07 13.86
N ILE F 116 37.33 -27.59 14.50
CA ILE F 116 37.30 -26.41 15.33
C ILE F 116 38.19 -25.36 14.68
N ALA F 117 37.69 -24.15 14.50
CA ALA F 117 38.47 -23.13 13.84
C ALA F 117 38.22 -21.79 14.54
N TRP F 118 39.25 -20.94 14.54
CA TRP F 118 39.12 -19.62 15.12
C TRP F 118 40.06 -18.62 14.44
N ASN F 119 39.60 -17.37 14.40
CA ASN F 119 40.37 -16.29 13.79
C ASN F 119 41.64 -16.06 14.61
N SER F 120 42.80 -16.02 13.93
CA SER F 120 44.09 -15.83 14.58
C SER F 120 44.85 -14.60 14.09
N ASN F 121 44.15 -13.53 13.71
CA ASN F 121 44.83 -12.34 13.22
C ASN F 121 45.82 -11.79 14.24
N ASN F 122 45.49 -11.87 15.53
CA ASN F 122 46.35 -11.32 16.56
C ASN F 122 47.63 -12.10 16.80
N LEU F 123 47.76 -13.32 16.28
CA LEU F 123 48.96 -14.10 16.52
C LEU F 123 49.81 -14.36 15.29
N ASP F 124 49.20 -14.59 14.12
CA ASP F 124 49.95 -15.03 12.95
C ASP F 124 50.10 -13.99 11.85
N SER F 125 49.59 -12.78 12.02
CA SER F 125 49.88 -11.70 11.10
C SER F 125 50.75 -10.64 11.74
N LYS F 126 51.52 -9.92 10.91
CA LYS F 126 52.39 -8.84 11.36
C LYS F 126 52.61 -7.86 10.22
N VAL F 127 53.05 -6.66 10.58
CA VAL F 127 53.36 -5.62 9.60
C VAL F 127 54.56 -6.06 8.76
N GLY F 128 54.44 -5.90 7.43
CA GLY F 128 55.39 -6.44 6.50
C GLY F 128 55.11 -7.85 6.05
N GLY F 129 54.10 -8.51 6.60
CA GLY F 129 53.72 -9.84 6.18
C GLY F 129 54.41 -10.97 6.90
N ASN F 130 53.61 -11.97 7.28
CA ASN F 130 54.10 -13.23 7.82
C ASN F 130 54.08 -14.26 6.69
N TYR F 131 55.27 -14.70 6.26
CA TYR F 131 55.41 -15.65 5.17
C TYR F 131 55.78 -17.06 5.63
N ASN F 132 55.70 -17.34 6.94
CA ASN F 132 56.10 -18.65 7.44
C ASN F 132 55.04 -19.72 7.13
N TYR F 133 53.80 -19.32 6.85
CA TYR F 133 52.73 -20.26 6.55
C TYR F 133 52.60 -20.46 5.04
N LEU F 134 52.69 -21.71 4.60
CA LEU F 134 52.64 -22.06 3.18
C LEU F 134 51.46 -22.99 2.91
N TYR F 135 51.00 -23.00 1.66
CA TYR F 135 50.05 -23.99 1.21
C TYR F 135 50.41 -24.51 -0.18
N ARG F 136 50.00 -25.74 -0.47
CA ARG F 136 50.28 -26.34 -1.77
C ARG F 136 49.28 -25.83 -2.80
N LEU F 137 49.78 -25.30 -3.91
CA LEU F 137 48.90 -24.73 -4.92
C LEU F 137 48.56 -25.69 -6.05
N PHE F 138 49.53 -26.50 -6.50
CA PHE F 138 49.34 -27.43 -7.60
C PHE F 138 49.70 -28.86 -7.21
N ARG F 139 48.99 -29.82 -7.81
CA ARG F 139 49.30 -31.24 -7.65
C ARG F 139 48.73 -32.02 -8.83
N LYS F 140 49.36 -33.17 -9.10
CA LYS F 140 48.96 -34.04 -10.19
C LYS F 140 47.63 -34.73 -9.94
N SER F 141 47.24 -34.90 -8.68
CA SER F 141 45.99 -35.58 -8.35
C SER F 141 45.55 -35.18 -6.96
N ASN F 142 44.27 -35.44 -6.68
CA ASN F 142 43.70 -35.16 -5.37
C ASN F 142 44.33 -36.04 -4.29
N LEU F 143 44.48 -35.47 -3.09
CA LEU F 143 44.96 -36.20 -1.93
C LEU F 143 43.95 -37.27 -1.49
N LYS F 144 44.47 -38.33 -0.87
CA LYS F 144 43.61 -39.31 -0.22
C LYS F 144 43.31 -38.90 1.21
N PRO F 145 42.27 -39.47 1.82
CA PRO F 145 41.88 -39.05 3.17
C PRO F 145 43.03 -39.16 4.17
N PHE F 146 43.31 -38.06 4.87
CA PHE F 146 44.33 -37.94 5.91
C PHE F 146 45.74 -38.08 5.38
N GLU F 147 45.94 -38.03 4.07
CA GLU F 147 47.28 -38.10 3.50
C GLU F 147 48.04 -36.79 3.70
N ARG F 148 49.35 -36.90 3.89
CA ARG F 148 50.23 -35.76 4.00
C ARG F 148 51.21 -35.77 2.82
N ASP F 149 51.31 -34.63 2.13
CA ASP F 149 52.22 -34.49 1.00
C ASP F 149 53.25 -33.41 1.35
N ILE F 150 54.51 -33.83 1.40
CA ILE F 150 55.63 -32.93 1.65
C ILE F 150 56.56 -32.86 0.45
N SER F 151 56.08 -33.30 -0.71
CA SER F 151 56.79 -33.12 -1.97
C SER F 151 57.25 -31.68 -2.15
N THR F 152 58.45 -31.54 -2.70
CA THR F 152 59.04 -30.27 -3.10
C THR F 152 59.49 -30.37 -4.55
N GLU F 153 58.70 -31.07 -5.36
CA GLU F 153 59.03 -31.25 -6.76
C GLU F 153 58.39 -30.16 -7.62
N ILE F 154 59.15 -29.71 -8.62
CA ILE F 154 58.66 -28.71 -9.56
C ILE F 154 57.41 -29.23 -10.26
N TYR F 155 56.38 -28.41 -10.30
CA TYR F 155 55.11 -28.81 -10.90
C TYR F 155 55.21 -28.71 -12.41
N GLN F 156 54.93 -29.82 -13.09
CA GLN F 156 55.01 -29.91 -14.54
C GLN F 156 53.65 -29.60 -15.17
N ALA F 157 53.54 -28.42 -15.76
CA ALA F 157 52.30 -27.98 -16.39
C ALA F 157 52.34 -28.31 -17.89
N SER F 159 54.95 -30.11 -21.07
CA SER F 159 55.42 -31.27 -21.80
C SER F 159 56.94 -31.42 -21.66
N THR F 160 57.65 -30.30 -21.71
CA THR F 160 59.09 -30.34 -21.53
C THR F 160 59.42 -30.56 -20.06
N PRO F 161 60.32 -31.49 -19.73
CA PRO F 161 60.68 -31.70 -18.32
C PRO F 161 61.35 -30.47 -17.73
N CYS F 162 61.23 -30.33 -16.41
CA CYS F 162 61.67 -29.10 -15.77
C CYS F 162 63.11 -29.17 -15.30
N ASN F 163 63.70 -30.37 -15.24
CA ASN F 163 65.09 -30.55 -14.84
C ASN F 163 65.39 -29.94 -13.47
N GLY F 164 64.36 -29.83 -12.63
CA GLY F 164 64.58 -29.36 -11.28
C GLY F 164 64.73 -27.86 -11.16
N VAL F 165 64.42 -27.12 -12.22
CA VAL F 165 64.53 -25.66 -12.21
C VAL F 165 63.24 -25.03 -12.73
N ASN F 169 56.40 -22.92 -17.80
CA ASN F 169 55.51 -24.04 -17.49
C ASN F 169 56.06 -24.92 -16.38
N CYS F 170 56.85 -24.36 -15.48
CA CYS F 170 57.37 -25.12 -14.34
C CYS F 170 57.36 -24.23 -13.11
N TYR F 171 56.62 -24.64 -12.09
CA TYR F 171 56.33 -23.78 -10.95
C TYR F 171 56.74 -24.43 -9.64
N PHE F 172 57.08 -23.58 -8.67
CA PHE F 172 57.29 -24.04 -7.31
C PHE F 172 55.98 -24.65 -6.80
N PRO F 173 56.00 -25.82 -6.17
CA PRO F 173 54.72 -26.43 -5.76
C PRO F 173 54.05 -25.68 -4.61
N LEU F 174 54.81 -25.09 -3.69
CA LEU F 174 54.22 -24.45 -2.52
C LEU F 174 54.23 -22.93 -2.70
N GLN F 175 53.23 -22.27 -2.13
CA GLN F 175 53.05 -20.83 -2.18
C GLN F 175 52.82 -20.30 -0.76
N SER F 176 53.44 -19.18 -0.43
CA SER F 176 53.35 -18.64 0.93
C SER F 176 52.17 -17.70 1.06
N TYR F 177 51.54 -17.74 2.23
CA TYR F 177 50.44 -16.84 2.56
C TYR F 177 50.95 -15.44 2.88
N GLY F 178 50.25 -14.43 2.37
CA GLY F 178 50.61 -13.03 2.60
C GLY F 178 49.87 -12.39 3.77
N PHE F 179 50.09 -12.89 4.98
CA PHE F 179 49.30 -12.48 6.13
C PHE F 179 49.67 -11.08 6.61
N GLN F 180 48.80 -10.08 6.33
CA GLN F 180 48.94 -8.72 6.86
C GLN F 180 47.77 -8.42 7.80
N PRO F 181 48.02 -7.71 8.90
CA PRO F 181 46.93 -7.39 9.84
C PRO F 181 45.77 -6.61 9.21
N THR F 182 46.01 -5.88 8.12
CA THR F 182 44.97 -5.09 7.46
C THR F 182 44.09 -5.90 6.52
N ASN F 183 44.41 -7.18 6.28
CA ASN F 183 43.61 -8.03 5.41
C ASN F 183 42.15 -8.07 5.84
N GLY F 184 41.28 -8.23 4.83
CA GLY F 184 39.90 -8.56 5.09
C GLY F 184 39.77 -9.90 5.80
N VAL F 185 38.59 -10.11 6.39
CA VAL F 185 38.38 -11.28 7.25
C VAL F 185 38.56 -12.57 6.47
N GLY F 186 38.17 -12.59 5.19
CA GLY F 186 38.36 -13.80 4.40
C GLY F 186 39.80 -14.12 4.06
N TYR F 187 40.71 -13.16 4.23
CA TYR F 187 42.14 -13.35 4.04
C TYR F 187 42.92 -13.29 5.34
N GLN F 188 42.23 -13.21 6.47
CA GLN F 188 42.89 -13.22 7.76
C GLN F 188 43.28 -14.65 8.11
N PRO F 189 44.25 -14.84 9.01
CA PRO F 189 44.63 -16.20 9.38
C PRO F 189 43.61 -16.85 10.30
N TYR F 190 43.34 -18.13 10.05
CA TYR F 190 42.48 -18.94 10.91
C TYR F 190 43.22 -20.19 11.31
N ARG F 191 43.21 -20.47 12.62
CA ARG F 191 43.79 -21.68 13.18
C ARG F 191 42.75 -22.79 13.22
N VAL F 192 43.13 -23.98 12.75
CA VAL F 192 42.19 -25.08 12.58
C VAL F 192 42.74 -26.29 13.34
N VAL F 193 41.87 -26.95 14.11
CA VAL F 193 42.15 -28.21 14.80
C VAL F 193 41.08 -29.23 14.43
N VAL F 194 41.50 -30.35 13.87
CA VAL F 194 40.62 -31.46 13.50
C VAL F 194 40.86 -32.58 14.50
N LEU F 195 39.82 -32.93 15.25
CA LEU F 195 39.86 -34.02 16.21
C LEU F 195 39.23 -35.25 15.58
N SER F 196 39.99 -36.32 15.48
CA SER F 196 39.50 -37.61 15.04
C SER F 196 39.49 -38.60 16.20
N PHE F 197 38.41 -39.35 16.30
CA PHE F 197 38.18 -40.28 17.40
C PHE F 197 38.30 -41.70 16.87
N GLU F 198 39.06 -42.56 17.56
CA GLU F 198 39.04 -43.96 17.15
C GLU F 198 38.50 -44.87 18.25
N ALA F 202 40.59 -53.04 21.22
CA ALA F 202 41.56 -52.53 22.18
C ALA F 202 40.88 -51.79 23.32
N PRO F 203 41.50 -51.80 24.50
CA PRO F 203 40.92 -51.06 25.63
C PRO F 203 40.90 -49.57 25.38
N ALA F 204 39.91 -48.90 25.97
CA ALA F 204 39.71 -47.47 25.80
C ALA F 204 40.46 -46.72 26.89
N THR F 205 41.27 -45.73 26.47
CA THR F 205 42.14 -45.01 27.39
C THR F 205 41.80 -43.53 27.56
N VAL F 206 40.97 -42.95 26.70
CA VAL F 206 40.53 -41.57 26.83
C VAL F 206 39.04 -41.57 27.15
N CYS F 207 38.66 -40.81 28.18
CA CYS F 207 37.30 -40.85 28.72
C CYS F 207 36.97 -39.51 29.36
N GLY F 208 35.68 -39.32 29.62
CA GLY F 208 35.20 -38.12 30.29
C GLY F 208 34.24 -38.45 31.41
#